data_5ZBL
#
_entry.id   5ZBL
#
_cell.length_a   70.153
_cell.length_b   70.714
_cell.length_c   190.802
_cell.angle_alpha   90.000
_cell.angle_beta   90.000
_cell.angle_gamma   90.000
#
_symmetry.space_group_name_H-M   'P 21 21 21'
#
loop_
_entity.id
_entity.type
_entity.pdbx_description
1 polymer "Cytokinin riboside 5'-monophosphate phosphoribohydrolase"
2 non-polymer 1,2-ETHANEDIOL
3 non-polymer GLYCEROL
4 non-polymer 'PHOSPHATE ION'
5 non-polymer 'SULFATE ION'
6 non-polymer 'ADENOSINE MONOPHOSPHATE'
7 water water
#
_entity_poly.entity_id   1
_entity_poly.type   'polypeptide(L)'
_entity_poly.pdbx_seq_one_letter_code
;MTSLFDAPTLQRVTVFTGSALGSSSLYTQAAQTLAKTAVDRGIDLVYGGGKVGLMGIVADAFLESGGEAFGVITESLMKG
ELGHEKLTELEIVPDMHIRKRRMAELGDGFIAMPGGAGTLEELFEVWTWQQLGIHQKPVALYDVDGFWQPLLEMLEQMTQ
RGFIKRDFFECLIVESDPHALLKAMQTWTPPAPKWLEHHHHHH
;
_entity_poly.pdbx_strand_id   A,B,C,D
#
loop_
_chem_comp.id
_chem_comp.type
_chem_comp.name
_chem_comp.formula
AMP non-polymer 'ADENOSINE MONOPHOSPHATE' 'C10 H14 N5 O7 P'
EDO non-polymer 1,2-ETHANEDIOL 'C2 H6 O2'
GOL non-polymer GLYCEROL 'C3 H8 O3'
PO4 non-polymer 'PHOSPHATE ION' 'O4 P -3'
SO4 non-polymer 'SULFATE ION' 'O4 S -2'
#
# COMPACT_ATOMS: atom_id res chain seq x y z
N THR A 2 48.62 18.46 -11.60
CA THR A 2 48.21 19.60 -10.72
C THR A 2 48.77 19.36 -9.32
N SER A 3 48.85 20.41 -8.53
CA SER A 3 49.61 20.34 -7.30
C SER A 3 48.91 19.40 -6.34
N LEU A 4 49.69 18.64 -5.59
CA LEU A 4 49.13 17.75 -4.56
C LEU A 4 48.41 18.49 -3.40
N PHE A 5 48.55 19.81 -3.32
CA PHE A 5 47.85 20.64 -2.31
C PHE A 5 46.66 21.43 -2.87
N ASP A 6 46.40 21.30 -4.18
CA ASP A 6 45.20 21.86 -4.80
C ASP A 6 43.98 21.19 -4.17
N ALA A 7 42.92 21.95 -3.90
CA ALA A 7 41.69 21.36 -3.39
C ALA A 7 41.00 20.60 -4.53
N PRO A 8 40.15 19.59 -4.19
CA PRO A 8 39.54 18.81 -5.25
C PRO A 8 38.51 19.62 -6.02
N THR A 9 38.25 19.21 -7.26
CA THR A 9 37.15 19.75 -8.05
C THR A 9 36.29 18.61 -8.59
N LEU A 10 35.16 19.00 -9.13
CA LEU A 10 34.20 18.08 -9.66
C LEU A 10 34.53 17.75 -11.12
N GLN A 11 35.37 16.75 -11.32
CA GLN A 11 35.75 16.27 -12.66
C GLN A 11 35.01 15.00 -13.05
N ARG A 12 34.65 14.18 -12.06
CA ARG A 12 33.85 13.00 -12.32
C ARG A 12 32.70 12.94 -11.36
N VAL A 13 31.58 12.46 -11.87
CA VAL A 13 30.48 12.06 -11.00
C VAL A 13 30.19 10.59 -11.11
N THR A 14 29.99 10.00 -9.93
CA THR A 14 29.64 8.59 -9.84
C THR A 14 28.13 8.56 -9.83
N VAL A 15 27.55 7.82 -10.75
CA VAL A 15 26.11 7.82 -10.88
C VAL A 15 25.47 6.49 -10.51
N PHE A 16 24.50 6.52 -9.61
CA PHE A 16 23.75 5.30 -9.26
C PHE A 16 22.40 5.38 -9.96
N THR A 17 22.01 4.34 -10.68
CA THR A 17 20.71 4.34 -11.31
C THR A 17 20.21 2.95 -11.71
N GLY A 18 18.94 2.84 -11.98
CA GLY A 18 18.33 1.54 -12.28
C GLY A 18 18.85 0.72 -13.47
N SER A 19 18.75 -0.59 -13.35
CA SER A 19 18.94 -1.47 -14.53
C SER A 19 17.60 -1.71 -15.21
N ALA A 20 16.55 -1.03 -14.76
CA ALA A 20 15.31 -0.91 -15.52
C ALA A 20 15.21 0.53 -16.08
N LEU A 21 14.43 0.69 -17.15
CA LEU A 21 14.14 1.99 -17.74
C LEU A 21 13.08 2.73 -17.00
N GLY A 22 12.22 2.00 -16.31
CA GLY A 22 11.05 2.62 -15.69
C GLY A 22 9.88 2.69 -16.68
N SER A 23 8.71 3.00 -16.15
CA SER A 23 7.45 2.86 -16.86
C SER A 23 7.13 4.07 -17.74
N SER A 24 7.96 5.11 -17.73
CA SER A 24 7.80 6.24 -18.65
C SER A 24 9.14 6.64 -19.33
N SER A 25 9.04 7.30 -20.48
CA SER A 25 10.26 7.75 -21.18
C SER A 25 10.90 8.98 -20.54
N LEU A 26 10.22 9.61 -19.59
CA LEU A 26 10.72 10.78 -18.90
C LEU A 26 12.06 10.53 -18.23
N TYR A 27 12.22 9.33 -17.68
CA TYR A 27 13.40 8.95 -16.92
C TYR A 27 14.63 8.90 -17.83
N THR A 28 14.45 8.22 -18.97
CA THR A 28 15.42 8.21 -20.05
C THR A 28 15.81 9.60 -20.51
N GLN A 29 14.83 10.44 -20.76
CA GLN A 29 15.15 11.77 -21.29
C GLN A 29 15.86 12.58 -20.23
N ALA A 30 15.44 12.41 -18.97
CA ALA A 30 16.04 13.14 -17.86
C ALA A 30 17.46 12.71 -17.69
N ALA A 31 17.77 11.44 -18.00
CA ALA A 31 19.14 10.95 -17.89
C ALA A 31 20.02 11.55 -18.98
N GLN A 32 19.48 11.60 -20.19
CA GLN A 32 20.17 12.22 -21.33
C GLN A 32 20.45 13.69 -21.16
N THR A 33 19.49 14.42 -20.61
CA THR A 33 19.68 15.86 -20.34
C THR A 33 20.74 16.05 -19.27
N LEU A 34 20.75 15.13 -18.30
CA LEU A 34 21.74 15.20 -17.23
C LEU A 34 23.17 14.95 -17.77
N ALA A 35 23.32 13.87 -18.54
CA ALA A 35 24.58 13.55 -19.23
C ALA A 35 25.16 14.69 -20.08
N LYS A 36 24.30 15.34 -20.87
CA LYS A 36 24.70 16.46 -21.75
C LYS A 36 25.23 17.69 -20.98
N THR A 37 24.48 18.07 -19.94
CA THR A 37 24.86 19.14 -19.04
C THR A 37 26.20 18.85 -18.42
N ALA A 38 26.37 17.62 -17.94
CA ALA A 38 27.64 17.28 -17.28
C ALA A 38 28.80 17.36 -18.26
N VAL A 39 28.65 16.79 -19.45
CA VAL A 39 29.73 16.79 -20.46
C VAL A 39 30.00 18.24 -20.89
N ASP A 40 28.96 19.04 -21.10
CA ASP A 40 29.18 20.46 -21.44
C ASP A 40 29.98 21.21 -20.41
N ARG A 41 29.96 20.76 -19.16
CA ARG A 41 30.79 21.37 -18.12
C ARG A 41 32.13 20.68 -17.92
N GLY A 42 32.51 19.80 -18.84
CA GLY A 42 33.73 19.03 -18.66
C GLY A 42 33.70 17.90 -17.63
N ILE A 43 32.50 17.41 -17.27
CA ILE A 43 32.38 16.38 -16.26
C ILE A 43 32.15 14.98 -16.89
N ASP A 44 32.89 13.96 -16.42
CA ASP A 44 32.73 12.59 -16.86
C ASP A 44 32.01 11.62 -15.90
N LEU A 45 31.64 10.48 -16.44
CA LEU A 45 30.80 9.46 -15.78
C LEU A 45 31.60 8.33 -15.14
N VAL A 46 31.33 8.05 -13.89
CA VAL A 46 31.74 6.80 -13.29
C VAL A 46 30.44 6.14 -12.90
N TYR A 47 30.28 4.88 -13.31
CA TYR A 47 29.05 4.13 -12.98
C TYR A 47 29.35 2.63 -12.93
N GLY A 48 28.31 1.83 -12.65
CA GLY A 48 28.48 0.44 -12.41
C GLY A 48 28.65 -0.45 -13.62
N GLY A 49 28.77 0.13 -14.82
CA GLY A 49 29.13 -0.65 -16.05
C GLY A 49 28.08 -1.43 -16.87
N GLY A 50 26.80 -1.19 -16.59
CA GLY A 50 25.75 -1.95 -17.22
C GLY A 50 25.37 -1.36 -18.57
N LYS A 51 24.64 -2.15 -19.34
CA LYS A 51 24.16 -1.74 -20.62
C LYS A 51 22.62 -1.74 -20.70
N VAL A 52 21.90 -1.95 -19.63
CA VAL A 52 20.43 -1.93 -19.72
C VAL A 52 19.89 -0.91 -18.71
N GLY A 53 18.65 -0.54 -18.97
CA GLY A 53 17.98 0.47 -18.23
C GLY A 53 18.67 1.81 -18.33
N LEU A 54 18.51 2.59 -17.29
CA LEU A 54 19.03 3.94 -17.23
C LEU A 54 20.53 3.91 -17.09
N MET A 55 21.08 2.80 -16.57
CA MET A 55 22.53 2.57 -16.60
C MET A 55 23.02 2.67 -18.05
N GLY A 56 22.43 1.87 -18.95
CA GLY A 56 22.75 1.94 -20.40
C GLY A 56 22.52 3.32 -21.01
N ILE A 57 21.38 3.91 -20.69
CA ILE A 57 21.05 5.21 -21.21
C ILE A 57 22.07 6.29 -20.81
N VAL A 58 22.41 6.37 -19.52
CA VAL A 58 23.30 7.45 -19.04
C VAL A 58 24.76 7.27 -19.59
N ALA A 59 25.23 6.04 -19.66
CA ALA A 59 26.52 5.68 -20.22
C ALA A 59 26.56 6.13 -21.68
N ASP A 60 25.57 5.71 -22.47
CA ASP A 60 25.43 6.09 -23.89
C ASP A 60 25.35 7.55 -24.13
N ALA A 61 24.68 8.29 -23.24
CA ALA A 61 24.48 9.72 -23.45
C ALA A 61 25.73 10.52 -23.18
N PHE A 62 26.55 10.07 -22.24
CA PHE A 62 27.82 10.76 -21.94
C PHE A 62 28.75 10.51 -23.13
N LEU A 63 28.78 9.25 -23.56
CA LEU A 63 29.57 8.87 -24.71
C LEU A 63 29.17 9.67 -25.95
N GLU A 64 27.89 9.64 -26.28
CA GLU A 64 27.40 10.28 -27.49
C GLU A 64 27.44 11.79 -27.50
N SER A 65 27.60 12.44 -26.34
CA SER A 65 27.84 13.89 -26.26
C SER A 65 29.33 14.28 -26.33
N GLY A 66 30.23 13.32 -26.46
CA GLY A 66 31.67 13.62 -26.48
C GLY A 66 32.44 13.44 -25.18
N GLY A 67 31.79 12.83 -24.18
CA GLY A 67 32.44 12.55 -22.90
C GLY A 67 32.98 11.15 -22.75
N GLU A 68 33.66 10.92 -21.65
CA GLU A 68 34.19 9.59 -21.30
C GLU A 68 33.26 8.97 -20.23
N ALA A 69 33.07 7.65 -20.29
CA ALA A 69 32.30 6.93 -19.32
C ALA A 69 33.15 5.79 -18.76
N PHE A 70 33.38 5.81 -17.45
CA PHE A 70 34.08 4.71 -16.76
C PHE A 70 33.16 3.79 -15.98
N GLY A 71 33.25 2.51 -16.30
CA GLY A 71 32.44 1.48 -15.64
C GLY A 71 33.29 0.67 -14.68
N VAL A 72 32.66 0.21 -13.59
CA VAL A 72 33.24 -0.67 -12.58
C VAL A 72 32.21 -1.80 -12.32
N ILE A 73 32.62 -3.02 -12.65
CA ILE A 73 31.79 -4.20 -12.63
C ILE A 73 32.60 -5.33 -12.00
N THR A 74 31.92 -6.43 -11.62
CA THR A 74 32.59 -7.61 -11.02
C THR A 74 32.65 -8.73 -12.02
N GLU A 75 33.55 -9.70 -11.78
CA GLU A 75 33.58 -10.94 -12.59
C GLU A 75 32.22 -11.61 -12.66
N SER A 76 31.54 -11.76 -11.51
CA SER A 76 30.20 -12.39 -11.48
C SER A 76 29.27 -11.80 -12.51
N LEU A 77 28.97 -10.51 -12.37
CA LEU A 77 28.06 -9.79 -13.30
C LEU A 77 28.59 -9.82 -14.75
N MET A 78 29.92 -9.79 -14.91
CA MET A 78 30.57 -9.86 -16.21
C MET A 78 30.36 -11.20 -16.90
N LYS A 79 30.56 -12.30 -16.18
CA LYS A 79 30.25 -13.65 -16.73
C LYS A 79 28.75 -13.71 -17.07
N GLY A 80 27.93 -12.91 -16.40
CA GLY A 80 26.53 -12.74 -16.78
C GLY A 80 26.21 -12.05 -18.12
N GLU A 81 27.22 -11.68 -18.92
CA GLU A 81 27.04 -10.95 -20.19
C GLU A 81 26.47 -9.50 -20.04
N LEU A 82 26.56 -8.93 -18.83
CA LEU A 82 25.90 -7.66 -18.47
C LEU A 82 26.73 -6.36 -18.68
N GLY A 83 28.02 -6.50 -19.03
CA GLY A 83 28.92 -5.37 -19.14
C GLY A 83 28.72 -4.60 -20.42
N HIS A 84 28.87 -3.28 -20.35
CA HIS A 84 28.78 -2.43 -21.54
C HIS A 84 30.10 -2.48 -22.35
N GLU A 85 29.99 -2.53 -23.67
CA GLU A 85 31.08 -2.94 -24.56
C GLU A 85 31.79 -1.83 -25.31
N LYS A 86 31.37 -0.58 -25.09
CA LYS A 86 31.96 0.59 -25.73
C LYS A 86 32.24 1.78 -24.81
N LEU A 87 32.50 1.50 -23.54
CA LEU A 87 32.99 2.49 -22.58
C LEU A 87 34.43 2.88 -22.81
N THR A 88 34.78 4.08 -22.38
CA THR A 88 36.18 4.52 -22.34
C THR A 88 37.03 3.48 -21.60
N GLU A 89 36.48 2.97 -20.49
CA GLU A 89 37.11 1.88 -19.77
C GLU A 89 36.05 1.09 -18.97
N LEU A 90 36.24 -0.22 -18.88
CA LEU A 90 35.46 -1.06 -18.03
C LEU A 90 36.44 -1.76 -17.09
N GLU A 91 36.38 -1.42 -15.81
CA GLU A 91 37.19 -2.08 -14.78
C GLU A 91 36.42 -3.28 -14.18
N ILE A 92 37.00 -4.47 -14.32
CA ILE A 92 36.53 -5.72 -13.68
C ILE A 92 37.29 -5.99 -12.38
N VAL A 93 36.56 -6.04 -11.27
CA VAL A 93 37.19 -6.24 -9.93
C VAL A 93 36.65 -7.52 -9.31
N PRO A 94 37.34 -8.09 -8.30
CA PRO A 94 37.00 -9.43 -7.83
C PRO A 94 35.61 -9.58 -7.23
N ASP A 95 35.14 -8.56 -6.48
CA ASP A 95 33.83 -8.62 -5.78
C ASP A 95 33.14 -7.28 -5.67
N MET A 96 31.91 -7.34 -5.19
CA MET A 96 31.02 -6.19 -5.08
C MET A 96 31.49 -5.16 -4.09
N HIS A 97 32.17 -5.59 -3.04
CA HIS A 97 32.81 -4.68 -2.10
C HIS A 97 33.77 -3.74 -2.84
N ILE A 98 34.70 -4.36 -3.57
CA ILE A 98 35.75 -3.65 -4.26
C ILE A 98 35.04 -2.78 -5.30
N ARG A 99 34.00 -3.32 -5.97
CA ARG A 99 33.33 -2.49 -6.94
C ARG A 99 32.88 -1.11 -6.35
N LYS A 100 32.24 -1.13 -5.19
CA LYS A 100 31.70 0.07 -4.56
C LYS A 100 32.78 0.98 -4.03
N ARG A 101 33.80 0.39 -3.41
CA ARG A 101 34.96 1.20 -3.06
C ARG A 101 35.56 1.95 -4.27
N ARG A 102 35.70 1.27 -5.41
CA ARG A 102 36.30 1.88 -6.58
C ARG A 102 35.48 2.99 -7.23
N MET A 103 34.18 2.76 -7.31
CA MET A 103 33.23 3.77 -7.73
C MET A 103 33.32 5.02 -6.87
N ALA A 104 33.43 4.83 -5.56
CA ALA A 104 33.58 5.98 -4.65
C ALA A 104 34.92 6.67 -4.88
N GLU A 105 35.99 5.88 -4.96
CA GLU A 105 37.34 6.48 -5.12
C GLU A 105 37.50 7.30 -6.40
N LEU A 106 36.90 6.82 -7.49
CA LEU A 106 37.02 7.41 -8.82
C LEU A 106 36.22 8.70 -9.00
N GLY A 107 35.11 8.84 -8.28
CA GLY A 107 34.21 9.98 -8.45
C GLY A 107 34.51 11.09 -7.48
N ASP A 108 34.19 12.31 -7.88
CA ASP A 108 34.38 13.48 -7.03
C ASP A 108 33.11 13.82 -6.34
N GLY A 109 32.04 13.10 -6.70
CA GLY A 109 30.70 13.35 -6.19
C GLY A 109 29.77 12.24 -6.68
N PHE A 110 28.57 12.20 -6.09
CA PHE A 110 27.61 11.12 -6.26
C PHE A 110 26.26 11.69 -6.66
N ILE A 111 25.63 11.07 -7.67
CA ILE A 111 24.27 11.36 -8.07
C ILE A 111 23.47 10.04 -8.05
N ALA A 112 22.29 10.09 -7.41
CA ALA A 112 21.40 8.97 -7.43
C ALA A 112 20.20 9.41 -8.28
N MET A 113 20.01 8.68 -9.38
CA MET A 113 18.89 8.86 -10.26
C MET A 113 17.86 7.81 -9.89
N PRO A 114 16.65 7.90 -10.46
CA PRO A 114 15.70 6.83 -10.22
C PRO A 114 16.29 5.45 -10.46
N GLY A 115 15.82 4.50 -9.67
CA GLY A 115 16.27 3.13 -9.76
C GLY A 115 15.62 2.33 -8.67
N GLY A 116 16.04 1.08 -8.58
CA GLY A 116 15.54 0.13 -7.64
C GLY A 116 16.39 -0.02 -6.39
N ALA A 117 16.38 -1.24 -5.86
CA ALA A 117 17.02 -1.55 -4.59
C ALA A 117 18.52 -1.35 -4.59
N GLY A 118 19.18 -1.78 -5.66
CA GLY A 118 20.61 -1.56 -5.87
C GLY A 118 21.01 -0.11 -5.79
N THR A 119 20.17 0.76 -6.36
CA THR A 119 20.45 2.18 -6.39
C THR A 119 20.31 2.76 -4.98
N LEU A 120 19.24 2.41 -4.32
CA LEU A 120 18.99 2.83 -2.96
C LEU A 120 20.09 2.36 -2.02
N GLU A 121 20.45 1.09 -2.11
CA GLU A 121 21.58 0.56 -1.34
C GLU A 121 22.87 1.37 -1.55
N GLU A 122 23.22 1.69 -2.79
CA GLU A 122 24.44 2.44 -3.03
C GLU A 122 24.35 3.80 -2.34
N LEU A 123 23.17 4.41 -2.34
CA LEU A 123 23.01 5.74 -1.84
C LEU A 123 23.19 5.75 -0.31
N PHE A 124 22.60 4.79 0.35
CA PHE A 124 22.69 4.66 1.79
C PHE A 124 24.08 4.23 2.25
N GLU A 125 24.75 3.47 1.40
CA GLU A 125 26.15 3.14 1.56
C GLU A 125 27.03 4.41 1.60
N VAL A 126 26.89 5.31 0.63
CA VAL A 126 27.78 6.49 0.71
C VAL A 126 27.44 7.35 1.93
N TRP A 127 26.18 7.42 2.31
CA TRP A 127 25.79 8.17 3.51
C TRP A 127 26.36 7.57 4.79
N THR A 128 26.19 6.27 4.94
CA THR A 128 26.79 5.56 6.05
C THR A 128 28.29 5.85 6.12
N TRP A 129 28.94 6.03 4.98
CA TRP A 129 30.36 6.40 4.92
C TRP A 129 30.59 7.88 5.25
N GLN A 130 29.77 8.76 4.67
CA GLN A 130 29.87 10.20 4.92
C GLN A 130 29.92 10.56 6.42
N GLN A 131 29.07 9.94 7.24
CA GLN A 131 28.98 10.28 8.66
C GLN A 131 29.91 9.45 9.55
N LEU A 132 30.91 8.81 8.95
CA LEU A 132 32.17 8.44 9.64
C LEU A 132 33.40 9.20 9.05
N GLY A 133 33.16 10.13 8.11
CA GLY A 133 34.20 10.96 7.53
C GLY A 133 35.14 10.33 6.52
N ILE A 134 34.83 9.13 6.01
CA ILE A 134 35.75 8.41 5.08
C ILE A 134 35.81 9.11 3.72
N HIS A 135 34.79 9.90 3.42
CA HIS A 135 34.86 10.89 2.34
C HIS A 135 33.95 12.05 2.73
N GLN A 136 34.19 13.22 2.14
CA GLN A 136 33.24 14.32 2.20
C GLN A 136 33.06 14.91 0.81
N LYS A 137 32.17 14.27 0.06
CA LYS A 137 31.90 14.56 -1.32
C LYS A 137 30.40 14.82 -1.42
N PRO A 138 29.98 15.74 -2.28
CA PRO A 138 28.54 16.02 -2.40
C PRO A 138 27.74 14.82 -2.88
N VAL A 139 26.57 14.61 -2.27
CA VAL A 139 25.62 13.56 -2.70
C VAL A 139 24.37 14.29 -3.16
N ALA A 140 23.92 13.98 -4.38
CA ALA A 140 22.78 14.66 -4.97
C ALA A 140 21.72 13.67 -5.39
N LEU A 141 20.47 14.02 -5.12
CA LEU A 141 19.31 13.23 -5.56
C LEU A 141 18.69 13.94 -6.76
N TYR A 142 18.75 13.29 -7.91
CA TYR A 142 18.18 13.82 -9.14
C TYR A 142 16.69 13.48 -9.09
N ASP A 143 15.89 14.50 -8.76
CA ASP A 143 14.49 14.29 -8.39
C ASP A 143 13.52 14.30 -9.60
N VAL A 144 13.74 13.41 -10.54
CA VAL A 144 12.97 13.36 -11.77
C VAL A 144 11.54 12.98 -11.41
N ASP A 145 10.59 13.91 -11.63
CA ASP A 145 9.14 13.73 -11.36
C ASP A 145 8.82 13.48 -9.83
N GLY A 146 9.57 14.16 -8.98
CA GLY A 146 9.49 13.97 -7.54
C GLY A 146 9.77 12.54 -7.07
N PHE A 147 10.60 11.79 -7.82
CA PHE A 147 10.97 10.42 -7.47
C PHE A 147 11.47 10.24 -6.02
N TRP A 148 12.32 11.14 -5.60
CA TRP A 148 12.90 10.98 -4.29
C TRP A 148 12.04 11.56 -3.17
N GLN A 149 10.89 12.15 -3.48
CA GLN A 149 10.13 12.82 -2.41
C GLN A 149 9.71 11.90 -1.24
N PRO A 150 9.27 10.67 -1.55
CA PRO A 150 8.89 9.79 -0.45
C PRO A 150 10.06 9.34 0.47
N LEU A 151 11.25 9.16 -0.09
CA LEU A 151 12.42 8.87 0.73
C LEU A 151 12.78 10.02 1.61
N LEU A 152 12.63 11.25 1.11
CA LEU A 152 12.92 12.41 1.92
C LEU A 152 11.98 12.48 3.13
N GLU A 153 10.70 12.16 2.90
CA GLU A 153 9.75 12.01 3.98
C GLU A 153 10.25 11.01 5.02
N MET A 154 10.66 9.84 4.53
CA MET A 154 11.19 8.82 5.40
C MET A 154 12.34 9.36 6.25
N LEU A 155 13.28 10.07 5.61
CA LEU A 155 14.44 10.60 6.28
C LEU A 155 14.11 11.71 7.26
N GLU A 156 13.16 12.55 6.87
CA GLU A 156 12.63 13.60 7.76
C GLU A 156 12.09 12.91 9.04
N GLN A 157 11.27 11.87 8.87
CA GLN A 157 10.71 11.13 10.01
C GLN A 157 11.77 10.42 10.87
N MET A 158 12.74 9.81 10.22
CA MET A 158 13.84 9.23 10.95
C MET A 158 14.60 10.30 11.79
N THR A 159 14.73 11.52 11.27
CA THR A 159 15.36 12.63 11.97
C THR A 159 14.50 13.08 13.16
N GLN A 160 13.18 13.16 13.01
CA GLN A 160 12.32 13.49 14.14
C GLN A 160 12.32 12.42 15.25
N ARG A 161 12.33 11.14 14.86
CA ARG A 161 12.36 10.04 15.82
C ARG A 161 13.75 9.81 16.46
N GLY A 162 14.75 10.64 16.16
CA GLY A 162 16.08 10.58 16.78
C GLY A 162 17.11 9.57 16.30
N PHE A 163 16.89 9.02 15.08
CA PHE A 163 17.85 8.03 14.47
C PHE A 163 18.89 8.57 13.48
N ILE A 164 18.70 9.79 12.98
CA ILE A 164 19.65 10.55 12.16
C ILE A 164 19.78 11.96 12.73
N LYS A 165 20.95 12.56 12.59
CA LYS A 165 21.17 13.94 13.06
C LYS A 165 20.64 14.91 12.00
N ARG A 166 19.85 15.90 12.41
CA ARG A 166 19.35 16.97 11.52
C ARG A 166 20.50 17.69 10.78
N ASP A 167 21.64 17.77 11.42
CA ASP A 167 22.85 18.30 10.79
C ASP A 167 23.19 17.59 9.49
N PHE A 168 23.23 16.26 9.57
CA PHE A 168 23.67 15.40 8.48
C PHE A 168 22.76 15.55 7.27
N PHE A 169 21.46 15.30 7.50
CA PHE A 169 20.39 15.40 6.50
C PHE A 169 20.49 16.61 5.59
N GLU A 170 20.87 17.78 6.13
CA GLU A 170 20.61 19.09 5.49
C GLU A 170 21.67 19.64 4.50
N CYS A 171 22.77 18.93 4.28
CA CYS A 171 23.76 19.29 3.23
C CYS A 171 23.56 18.45 1.94
N LEU A 172 22.40 17.80 1.89
CA LEU A 172 22.00 16.93 0.82
C LEU A 172 21.46 17.74 -0.37
N ILE A 173 22.00 17.54 -1.57
CA ILE A 173 21.46 18.23 -2.76
C ILE A 173 20.29 17.44 -3.29
N VAL A 174 19.18 18.11 -3.53
CA VAL A 174 17.98 17.51 -4.15
C VAL A 174 17.48 18.42 -5.29
N GLU A 175 17.55 17.99 -6.56
CA GLU A 175 17.08 18.86 -7.64
C GLU A 175 16.43 18.07 -8.78
N SER A 176 15.37 18.59 -9.37
CA SER A 176 14.75 18.00 -10.55
C SER A 176 15.44 18.51 -11.79
N ASP A 177 16.08 19.68 -11.69
CA ASP A 177 16.70 20.31 -12.86
C ASP A 177 18.18 19.97 -12.89
N PRO A 178 18.66 19.47 -14.05
CA PRO A 178 20.07 19.03 -14.13
C PRO A 178 21.09 20.13 -13.99
N HIS A 179 20.75 21.30 -14.50
CA HIS A 179 21.59 22.50 -14.35
C HIS A 179 21.75 22.83 -12.89
N ALA A 180 20.63 22.91 -12.19
CA ALA A 180 20.62 23.22 -10.77
C ALA A 180 21.36 22.16 -9.92
N LEU A 181 21.21 20.89 -10.31
CA LEU A 181 21.86 19.76 -9.67
C LEU A 181 23.39 19.78 -9.78
N LEU A 182 23.91 19.95 -11.00
CA LEU A 182 25.37 20.00 -11.22
C LEU A 182 25.96 21.27 -10.65
N LYS A 183 25.25 22.38 -10.83
CA LYS A 183 25.68 23.67 -10.25
C LYS A 183 25.85 23.56 -8.75
N ALA A 184 24.88 22.95 -8.08
CA ALA A 184 24.97 22.79 -6.63
C ALA A 184 26.16 21.91 -6.22
N MET A 185 26.45 20.85 -6.99
CA MET A 185 27.59 19.95 -6.74
C MET A 185 28.96 20.66 -7.03
N GLN A 186 29.00 21.56 -8.00
CA GLN A 186 30.23 22.34 -8.32
C GLN A 186 30.61 23.34 -7.24
N THR A 187 29.60 24.05 -6.70
CA THR A 187 29.79 25.10 -5.67
C THR A 187 29.72 24.61 -4.23
N TRP A 188 29.50 23.31 -4.05
CA TRP A 188 29.38 22.70 -2.72
C TRP A 188 30.71 22.65 -1.94
N THR A 189 30.63 22.81 -0.62
CA THR A 189 31.76 22.60 0.30
C THR A 189 31.27 21.97 1.62
N PRO A 190 32.18 21.32 2.36
CA PRO A 190 31.86 20.86 3.72
C PRO A 190 31.93 22.00 4.74
N PRO B 8 11.74 -24.81 6.98
CA PRO B 8 11.82 -25.45 8.27
C PRO B 8 11.73 -24.43 9.42
N THR B 9 11.84 -24.97 10.64
CA THR B 9 11.88 -24.17 11.88
C THR B 9 12.87 -22.99 11.83
N LEU B 10 12.41 -21.78 12.17
CA LEU B 10 13.29 -20.63 12.35
C LEU B 10 14.05 -20.84 13.64
N GLN B 11 15.37 -20.92 13.53
CA GLN B 11 16.24 -21.05 14.71
C GLN B 11 16.95 -19.75 15.06
N ARG B 12 17.32 -18.96 14.05
CA ARG B 12 17.97 -17.68 14.30
C ARG B 12 17.37 -16.60 13.42
N VAL B 13 17.30 -15.38 13.96
CA VAL B 13 17.01 -14.21 13.16
C VAL B 13 18.15 -13.21 13.16
N THR B 14 18.36 -12.63 12.00
CA THR B 14 19.36 -11.58 11.85
C THR B 14 18.68 -10.25 11.94
N VAL B 15 19.13 -9.43 12.88
CA VAL B 15 18.44 -8.21 13.20
C VAL B 15 19.23 -6.98 12.85
N PHE B 16 18.61 -6.05 12.10
CA PHE B 16 19.19 -4.72 11.82
C PHE B 16 18.47 -3.66 12.64
N THR B 17 19.21 -2.79 13.27
CA THR B 17 18.60 -1.75 14.08
C THR B 17 19.59 -0.67 14.38
N GLY B 18 19.06 0.48 14.77
CA GLY B 18 19.89 1.66 14.98
C GLY B 18 20.91 1.56 16.11
N SER B 19 22.04 2.22 15.91
CA SER B 19 22.98 2.43 17.02
C SER B 19 22.54 3.62 17.92
N ALA B 20 21.43 4.29 17.61
CA ALA B 20 20.81 5.24 18.52
C ALA B 20 19.58 4.58 19.20
N LEU B 21 19.16 5.14 20.35
CA LEU B 21 17.98 4.63 21.08
C LEU B 21 16.68 5.15 20.49
N GLY B 22 16.70 6.35 19.89
CA GLY B 22 15.49 7.06 19.48
C GLY B 22 15.06 8.13 20.48
N SER B 23 14.04 8.91 20.08
CA SER B 23 13.44 10.06 20.81
C SER B 23 12.44 9.69 21.93
N SER B 24 12.10 8.42 22.01
CA SER B 24 11.04 7.92 22.87
C SER B 24 11.51 6.58 23.40
N SER B 25 11.19 6.27 24.64
CA SER B 25 11.51 4.95 25.16
C SER B 25 10.63 3.83 24.57
N LEU B 26 9.69 4.14 23.67
CA LEU B 26 8.89 3.10 23.03
C LEU B 26 9.69 2.15 22.11
N TYR B 27 10.78 2.65 21.50
CA TYR B 27 11.62 1.79 20.64
C TYR B 27 12.33 0.72 21.43
N THR B 28 12.95 1.14 22.54
CA THR B 28 13.50 0.20 23.52
C THR B 28 12.52 -0.90 23.98
N GLN B 29 11.30 -0.49 24.31
CA GLN B 29 10.29 -1.43 24.77
C GLN B 29 9.86 -2.37 23.64
N ALA B 30 9.65 -1.85 22.42
CA ALA B 30 9.31 -2.75 21.29
C ALA B 30 10.43 -3.75 21.04
N ALA B 31 11.70 -3.33 21.18
CA ALA B 31 12.83 -4.27 21.05
C ALA B 31 12.81 -5.41 22.10
N GLN B 32 12.62 -5.04 23.37
CA GLN B 32 12.60 -5.99 24.51
C GLN B 32 11.49 -7.01 24.35
N THR B 33 10.32 -6.51 23.99
CA THR B 33 9.22 -7.39 23.75
C THR B 33 9.49 -8.35 22.59
N LEU B 34 10.10 -7.84 21.52
CA LEU B 34 10.41 -8.67 20.38
C LEU B 34 11.38 -9.75 20.79
N ALA B 35 12.40 -9.40 21.56
CA ALA B 35 13.35 -10.39 22.05
C ALA B 35 12.72 -11.46 22.90
N LYS B 36 11.93 -11.08 23.90
CA LYS B 36 11.21 -12.07 24.77
C LYS B 36 10.40 -13.05 23.95
N THR B 37 9.63 -12.51 23.03
CA THR B 37 8.78 -13.29 22.17
C THR B 37 9.59 -14.26 21.36
N ALA B 38 10.71 -13.79 20.80
CA ALA B 38 11.57 -14.67 20.02
C ALA B 38 12.14 -15.79 20.91
N VAL B 39 12.66 -15.40 22.07
CA VAL B 39 13.23 -16.38 23.00
C VAL B 39 12.18 -17.41 23.48
N ASP B 40 10.98 -16.97 23.85
CA ASP B 40 9.89 -17.92 24.06
C ASP B 40 9.57 -18.82 22.85
N ARG B 41 9.78 -18.37 21.60
CA ARG B 41 9.55 -19.25 20.40
C ARG B 41 10.78 -20.17 20.06
N GLY B 42 11.84 -20.15 20.85
CA GLY B 42 13.06 -20.88 20.53
C GLY B 42 14.01 -20.30 19.48
N ILE B 43 14.03 -18.97 19.34
CA ILE B 43 14.78 -18.29 18.28
C ILE B 43 15.91 -17.47 18.89
N ASP B 44 17.14 -17.65 18.39
CA ASP B 44 18.32 -16.82 18.80
C ASP B 44 18.55 -15.61 17.88
N LEU B 45 19.40 -14.76 18.38
CA LEU B 45 19.73 -13.52 17.74
C LEU B 45 21.06 -13.63 17.02
N VAL B 46 21.07 -13.19 15.77
CA VAL B 46 22.29 -12.79 15.06
C VAL B 46 22.20 -11.28 14.79
N TYR B 47 23.26 -10.57 15.04
CA TYR B 47 23.27 -9.13 14.82
C TYR B 47 24.74 -8.68 14.72
N GLY B 48 24.99 -7.37 14.63
CA GLY B 48 26.30 -6.84 14.28
C GLY B 48 27.27 -6.63 15.44
N GLY B 49 26.92 -7.11 16.64
CA GLY B 49 27.83 -7.14 17.76
C GLY B 49 28.07 -5.84 18.51
N GLY B 50 27.20 -4.84 18.37
CA GLY B 50 27.36 -3.56 19.07
C GLY B 50 26.75 -3.57 20.46
N LYS B 51 27.13 -2.55 21.22
CA LYS B 51 26.61 -2.38 22.57
C LYS B 51 25.84 -1.12 22.84
N VAL B 52 25.77 -0.20 21.89
CA VAL B 52 25.03 1.06 22.08
C VAL B 52 23.73 1.04 21.29
N GLY B 53 22.83 1.92 21.67
CA GLY B 53 21.55 2.08 21.02
C GLY B 53 20.65 0.88 21.13
N LEU B 54 19.71 0.79 20.19
CA LEU B 54 18.86 -0.37 20.08
C LEU B 54 19.60 -1.68 19.81
N MET B 55 20.80 -1.61 19.29
CA MET B 55 21.62 -2.82 19.11
C MET B 55 21.93 -3.48 20.45
N GLY B 56 22.38 -2.65 21.40
CA GLY B 56 22.68 -3.12 22.75
C GLY B 56 21.44 -3.56 23.47
N ILE B 57 20.37 -2.78 23.31
CA ILE B 57 19.11 -3.10 23.93
C ILE B 57 18.65 -4.49 23.49
N VAL B 58 18.61 -4.74 22.16
CA VAL B 58 18.04 -6.03 21.69
C VAL B 58 18.90 -7.26 22.09
N ALA B 59 20.22 -7.13 22.00
CA ALA B 59 21.13 -8.18 22.39
C ALA B 59 21.01 -8.54 23.88
N ASP B 60 21.10 -7.51 24.74
CA ASP B 60 20.81 -7.69 26.17
C ASP B 60 19.45 -8.34 26.42
N ALA B 61 18.47 -8.01 25.60
CA ALA B 61 17.11 -8.46 25.85
C ALA B 61 17.05 -9.93 25.61
N PHE B 62 17.65 -10.37 24.51
CA PHE B 62 17.72 -11.79 24.22
C PHE B 62 18.45 -12.60 25.33
N LEU B 63 19.55 -12.05 25.82
CA LEU B 63 20.39 -12.68 26.84
C LEU B 63 19.68 -12.77 28.17
N GLU B 64 19.23 -11.60 28.63
CA GLU B 64 18.44 -11.49 29.85
C GLU B 64 17.17 -12.32 29.85
N SER B 65 16.56 -12.54 28.66
CA SER B 65 15.43 -13.48 28.49
C SER B 65 15.85 -14.94 28.50
N GLY B 66 17.15 -15.18 28.66
CA GLY B 66 17.69 -16.53 28.64
C GLY B 66 17.93 -17.12 27.27
N GLY B 67 18.07 -16.27 26.23
CA GLY B 67 18.41 -16.75 24.89
C GLY B 67 19.89 -16.57 24.56
N GLU B 68 20.27 -16.87 23.33
CA GLU B 68 21.63 -16.66 22.85
C GLU B 68 21.69 -15.49 21.85
N ALA B 69 22.82 -14.83 21.84
CA ALA B 69 23.05 -13.73 20.97
C ALA B 69 24.40 -13.90 20.31
N PHE B 70 24.41 -13.83 18.96
CA PHE B 70 25.63 -14.01 18.14
C PHE B 70 25.97 -12.72 17.42
N GLY B 71 27.14 -12.19 17.69
CA GLY B 71 27.59 -10.89 17.14
C GLY B 71 28.56 -11.18 16.02
N VAL B 72 28.56 -10.30 15.02
CA VAL B 72 29.53 -10.41 13.89
C VAL B 72 30.05 -9.02 13.62
N ILE B 73 31.37 -8.87 13.68
CA ILE B 73 31.93 -7.56 13.69
C ILE B 73 33.28 -7.58 12.93
N THR B 74 33.75 -6.43 12.44
CA THR B 74 35.00 -6.39 11.65
C THR B 74 36.12 -6.13 12.55
N GLU B 75 37.29 -6.46 12.11
CA GLU B 75 38.47 -6.20 12.90
C GLU B 75 38.62 -4.71 13.30
N SER B 76 38.36 -3.78 12.36
CA SER B 76 38.39 -2.29 12.65
C SER B 76 37.39 -1.83 13.73
N LEU B 77 36.16 -2.30 13.65
CA LEU B 77 35.16 -1.93 14.66
C LEU B 77 35.58 -2.42 16.02
N MET B 78 36.19 -3.61 16.08
CA MET B 78 36.65 -4.20 17.37
C MET B 78 37.74 -3.38 18.05
N LYS B 79 38.72 -2.95 17.27
CA LYS B 79 39.82 -2.08 17.72
C LYS B 79 39.36 -0.69 18.18
N GLY B 80 38.23 -0.21 17.67
CA GLY B 80 37.54 0.96 18.23
C GLY B 80 36.74 0.76 19.53
N GLU B 81 36.76 -0.46 20.08
CA GLU B 81 36.11 -0.78 21.35
C GLU B 81 34.57 -0.88 21.20
N LEU B 82 34.08 -1.12 19.97
CA LEU B 82 32.63 -1.08 19.71
C LEU B 82 31.88 -2.40 20.02
N GLY B 83 32.65 -3.46 20.31
CA GLY B 83 32.13 -4.80 20.49
C GLY B 83 31.58 -5.06 21.86
N HIS B 84 30.45 -5.75 21.87
CA HIS B 84 29.75 -6.16 23.05
C HIS B 84 30.52 -7.30 23.70
N GLU B 85 30.59 -7.31 25.03
CA GLU B 85 31.54 -8.16 25.74
C GLU B 85 30.97 -9.33 26.55
N LYS B 86 29.65 -9.46 26.58
CA LYS B 86 28.98 -10.62 27.16
C LYS B 86 28.02 -11.32 26.17
N LEU B 87 28.42 -11.46 24.90
CA LEU B 87 27.59 -12.26 23.98
C LEU B 87 27.87 -13.74 24.19
N THR B 88 26.97 -14.57 23.69
CA THR B 88 27.23 -15.98 23.56
C THR B 88 28.48 -16.18 22.68
N GLU B 89 28.60 -15.39 21.61
CA GLU B 89 29.80 -15.38 20.79
C GLU B 89 29.94 -14.10 19.96
N LEU B 90 31.16 -13.59 19.86
CA LEU B 90 31.43 -12.48 19.01
C LEU B 90 32.43 -12.94 17.98
N GLU B 91 31.98 -13.12 16.72
CA GLU B 91 32.88 -13.42 15.59
C GLU B 91 33.56 -12.17 15.05
N ILE B 92 34.88 -12.13 15.10
CA ILE B 92 35.61 -11.10 14.36
C ILE B 92 35.96 -11.60 12.94
N VAL B 93 35.59 -10.82 11.92
CA VAL B 93 35.95 -11.11 10.52
C VAL B 93 36.79 -9.98 9.95
N PRO B 94 37.51 -10.21 8.84
CA PRO B 94 38.46 -9.20 8.33
C PRO B 94 37.85 -7.92 7.72
N ASP B 95 36.67 -8.00 7.11
CA ASP B 95 36.06 -6.79 6.49
C ASP B 95 34.52 -6.85 6.42
N MET B 96 33.94 -5.71 6.05
CA MET B 96 32.50 -5.50 6.08
C MET B 96 31.73 -6.37 5.06
N HIS B 97 32.37 -6.73 3.96
CA HIS B 97 31.80 -7.66 2.93
C HIS B 97 31.60 -8.98 3.64
N ILE B 98 32.64 -9.44 4.37
CA ILE B 98 32.57 -10.73 5.06
C ILE B 98 31.53 -10.64 6.17
N ARG B 99 31.55 -9.55 6.92
CA ARG B 99 30.61 -9.41 8.01
C ARG B 99 29.16 -9.57 7.56
N LYS B 100 28.79 -8.86 6.49
CA LYS B 100 27.42 -8.82 6.05
C LYS B 100 27.04 -10.16 5.51
N ARG B 101 27.93 -10.83 4.75
CA ARG B 101 27.59 -12.16 4.26
C ARG B 101 27.45 -13.20 5.39
N ARG B 102 28.21 -13.04 6.48
CA ARG B 102 28.19 -13.95 7.61
C ARG B 102 26.91 -13.75 8.40
N MET B 103 26.52 -12.49 8.60
CA MET B 103 25.23 -12.17 9.19
C MET B 103 24.10 -12.83 8.43
N ALA B 104 24.16 -12.78 7.11
CA ALA B 104 23.14 -13.42 6.27
C ALA B 104 23.14 -14.95 6.34
N GLU B 105 24.32 -15.54 6.41
CA GLU B 105 24.43 -17.01 6.47
C GLU B 105 23.93 -17.51 7.82
N LEU B 106 24.32 -16.85 8.93
CA LEU B 106 23.84 -17.31 10.23
C LEU B 106 22.29 -17.26 10.47
N GLY B 107 21.59 -16.33 9.85
CA GLY B 107 20.19 -16.14 10.16
C GLY B 107 19.36 -17.02 9.28
N ASP B 108 18.14 -17.27 9.74
CA ASP B 108 17.11 -17.90 8.95
C ASP B 108 16.12 -16.89 8.35
N GLY B 109 16.30 -15.61 8.69
CA GLY B 109 15.40 -14.58 8.21
C GLY B 109 15.97 -13.32 8.72
N PHE B 110 15.43 -12.20 8.24
CA PHE B 110 15.95 -10.89 8.62
C PHE B 110 14.84 -10.06 9.22
N ILE B 111 15.16 -9.33 10.32
CA ILE B 111 14.25 -8.37 10.88
C ILE B 111 14.86 -6.99 10.93
N ALA B 112 14.15 -6.01 10.37
CA ALA B 112 14.59 -4.61 10.44
C ALA B 112 13.73 -3.85 11.44
N MET B 113 14.37 -3.41 12.52
CA MET B 113 13.74 -2.57 13.52
C MET B 113 14.09 -1.12 13.23
N PRO B 114 13.50 -0.18 13.94
CA PRO B 114 13.89 1.21 13.75
C PRO B 114 15.41 1.47 13.72
N GLY B 115 15.88 2.31 12.83
CA GLY B 115 17.30 2.73 12.80
C GLY B 115 17.54 3.84 11.82
N GLY B 116 18.79 4.21 11.63
CA GLY B 116 19.20 5.27 10.70
C GLY B 116 19.74 4.74 9.38
N ALA B 117 20.72 5.45 8.83
CA ALA B 117 21.25 5.16 7.49
C ALA B 117 21.73 3.72 7.35
N GLY B 118 22.39 3.24 8.42
CA GLY B 118 23.02 1.91 8.46
C GLY B 118 22.02 0.78 8.33
N THR B 119 20.92 0.91 9.06
CA THR B 119 19.88 -0.07 9.05
C THR B 119 19.28 -0.14 7.69
N LEU B 120 19.07 1.01 7.06
CA LEU B 120 18.48 1.06 5.71
C LEU B 120 19.39 0.45 4.67
N GLU B 121 20.69 0.70 4.86
CA GLU B 121 21.70 0.17 3.97
C GLU B 121 21.67 -1.32 4.02
N GLU B 122 21.73 -1.87 5.23
CA GLU B 122 21.65 -3.33 5.43
C GLU B 122 20.41 -3.87 4.76
N LEU B 123 19.30 -3.23 5.00
CA LEU B 123 18.05 -3.73 4.45
C LEU B 123 18.03 -3.71 2.91
N PHE B 124 18.51 -2.60 2.35
CA PHE B 124 18.61 -2.54 0.89
C PHE B 124 19.58 -3.54 0.29
N GLU B 125 20.65 -3.82 1.03
CA GLU B 125 21.58 -4.81 0.63
C GLU B 125 20.90 -6.15 0.51
N VAL B 126 20.16 -6.60 1.51
CA VAL B 126 19.50 -7.94 1.36
C VAL B 126 18.52 -7.94 0.21
N TRP B 127 17.83 -6.82 -0.02
CA TRP B 127 16.87 -6.74 -1.13
C TRP B 127 17.54 -6.75 -2.47
N THR B 128 18.73 -6.14 -2.54
CA THR B 128 19.55 -6.21 -3.72
C THR B 128 20.00 -7.62 -4.00
N TRP B 129 20.41 -8.37 -2.97
CA TRP B 129 20.83 -9.76 -3.15
C TRP B 129 19.70 -10.66 -3.60
N GLN B 130 18.49 -10.40 -3.09
CA GLN B 130 17.31 -11.17 -3.49
C GLN B 130 16.91 -10.91 -4.95
N GLN B 131 17.04 -9.68 -5.45
CA GLN B 131 16.86 -9.41 -6.89
C GLN B 131 17.78 -10.34 -7.69
N LEU B 132 19.01 -10.49 -7.19
CA LEU B 132 20.05 -11.33 -7.82
C LEU B 132 20.04 -12.86 -7.48
N GLY B 133 18.94 -13.38 -6.94
CA GLY B 133 18.81 -14.81 -6.61
C GLY B 133 19.83 -15.38 -5.64
N GLN B 136 17.43 -16.08 -0.37
CA GLN B 136 15.97 -16.25 -0.37
C GLN B 136 15.46 -16.71 0.99
N LYS B 137 15.42 -15.77 1.92
CA LYS B 137 14.90 -15.94 3.27
C LYS B 137 13.95 -14.78 3.57
N PRO B 138 13.00 -14.96 4.51
CA PRO B 138 12.06 -13.88 4.77
C PRO B 138 12.71 -12.67 5.41
N VAL B 139 12.20 -11.51 5.04
CA VAL B 139 12.53 -10.18 5.56
C VAL B 139 11.25 -9.57 6.12
N ALA B 140 11.32 -9.19 7.39
CA ALA B 140 10.24 -8.50 8.10
C ALA B 140 10.68 -7.14 8.57
N LEU B 141 9.79 -6.17 8.39
CA LEU B 141 9.96 -4.85 8.92
C LEU B 141 9.12 -4.83 10.19
N TYR B 142 9.77 -4.55 11.31
CA TYR B 142 9.05 -4.43 12.58
C TYR B 142 8.56 -3.00 12.68
N ASP B 143 7.27 -2.80 12.39
CA ASP B 143 6.70 -1.49 12.06
C ASP B 143 6.30 -0.74 13.36
N VAL B 144 7.25 -0.59 14.26
CA VAL B 144 7.00 -0.06 15.60
C VAL B 144 6.57 1.40 15.46
N ASP B 145 5.35 1.71 15.90
CA ASP B 145 4.74 3.04 15.77
C ASP B 145 4.60 3.53 14.28
N GLY B 146 4.45 2.60 13.34
CA GLY B 146 4.40 2.96 11.92
C GLY B 146 5.73 3.44 11.35
N PHE B 147 6.83 3.06 11.97
CA PHE B 147 8.14 3.55 11.58
C PHE B 147 8.38 3.27 10.09
N TRP B 148 7.98 2.10 9.62
CA TRP B 148 8.35 1.72 8.26
C TRP B 148 7.39 2.27 7.20
N GLN B 149 6.32 2.97 7.60
CA GLN B 149 5.27 3.38 6.63
C GLN B 149 5.74 4.29 5.50
N PRO B 150 6.53 5.34 5.80
CA PRO B 150 7.05 6.16 4.73
C PRO B 150 7.91 5.37 3.69
N LEU B 151 8.72 4.42 4.16
CA LEU B 151 9.42 3.49 3.30
C LEU B 151 8.53 2.64 2.38
N LEU B 152 7.46 2.08 2.93
CA LEU B 152 6.52 1.33 2.14
C LEU B 152 5.88 2.16 1.03
N GLU B 153 5.57 3.42 1.29
CA GLU B 153 5.17 4.39 0.28
C GLU B 153 6.26 4.63 -0.79
N MET B 154 7.52 4.79 -0.38
CA MET B 154 8.60 4.88 -1.36
C MET B 154 8.65 3.62 -2.26
N LEU B 155 8.55 2.45 -1.65
CA LEU B 155 8.61 1.18 -2.35
C LEU B 155 7.44 0.90 -3.31
N GLU B 156 6.25 1.29 -2.89
CA GLU B 156 5.07 1.27 -3.73
C GLU B 156 5.22 2.25 -4.88
N GLN B 157 5.71 3.47 -4.60
CA GLN B 157 5.98 4.42 -5.69
C GLN B 157 7.02 3.83 -6.64
N MET B 158 8.11 3.25 -6.13
CA MET B 158 9.07 2.60 -7.01
C MET B 158 8.47 1.47 -7.88
N THR B 159 7.50 0.73 -7.35
CA THR B 159 6.82 -0.32 -8.13
C THR B 159 5.93 0.25 -9.26
N GLN B 160 5.16 1.30 -8.94
CA GLN B 160 4.31 1.96 -9.94
C GLN B 160 5.13 2.56 -11.09
N ARG B 161 6.30 3.08 -10.75
CA ARG B 161 7.23 3.68 -11.72
C ARG B 161 8.09 2.62 -12.43
N GLY B 162 7.94 1.35 -12.07
CA GLY B 162 8.50 0.26 -12.84
C GLY B 162 9.93 -0.05 -12.47
N PHE B 163 10.41 0.45 -11.34
CA PHE B 163 11.78 0.15 -10.89
C PHE B 163 11.95 -1.09 -10.00
N ILE B 164 10.84 -1.65 -9.53
CA ILE B 164 10.78 -2.85 -8.69
C ILE B 164 9.61 -3.66 -9.20
N LYS B 165 9.69 -4.98 -9.19
CA LYS B 165 8.60 -5.81 -9.65
C LYS B 165 7.56 -5.96 -8.57
N ARG B 166 6.30 -6.05 -9.00
CA ARG B 166 5.12 -6.21 -8.15
C ARG B 166 5.35 -7.32 -7.13
N ASP B 167 5.96 -8.39 -7.62
CA ASP B 167 6.34 -9.59 -6.86
C ASP B 167 7.03 -9.32 -5.52
N PHE B 168 7.69 -8.17 -5.37
CA PHE B 168 8.21 -7.68 -4.09
C PHE B 168 7.21 -7.82 -2.95
N PHE B 169 6.03 -7.26 -3.14
CA PHE B 169 4.98 -7.28 -2.10
C PHE B 169 4.41 -8.65 -1.75
N GLU B 170 4.64 -9.65 -2.60
CA GLU B 170 4.13 -10.98 -2.35
C GLU B 170 5.06 -11.78 -1.43
N CYS B 171 6.26 -11.23 -1.13
CA CYS B 171 7.29 -11.86 -0.27
C CYS B 171 7.51 -11.13 1.10
N LEU B 172 7.20 -9.84 1.16
CA LEU B 172 7.58 -8.99 2.27
C LEU B 172 6.66 -9.16 3.45
N ILE B 173 7.25 -9.14 4.64
CA ILE B 173 6.52 -9.14 5.90
C ILE B 173 6.61 -7.75 6.52
N VAL B 174 5.46 -7.20 6.91
CA VAL B 174 5.39 -5.93 7.62
C VAL B 174 4.38 -6.10 8.75
N GLU B 175 4.86 -6.02 10.01
CA GLU B 175 4.03 -6.19 11.21
C GLU B 175 4.56 -5.35 12.36
N SER B 176 3.63 -4.73 13.09
CA SER B 176 3.92 -3.96 14.29
C SER B 176 3.86 -4.83 15.53
N ASP B 177 3.14 -5.95 15.46
CA ASP B 177 3.08 -6.88 16.61
C ASP B 177 4.13 -8.01 16.57
N PRO B 178 4.96 -8.15 17.63
CA PRO B 178 6.05 -9.14 17.60
C PRO B 178 5.59 -10.57 17.51
N HIS B 179 4.55 -10.99 18.22
CA HIS B 179 4.05 -12.38 18.08
C HIS B 179 3.74 -12.64 16.59
N ALA B 180 2.99 -11.73 15.99
CA ALA B 180 2.54 -11.87 14.61
C ALA B 180 3.71 -11.67 13.60
N LEU B 181 4.62 -10.75 13.86
CA LEU B 181 5.80 -10.66 13.03
C LEU B 181 6.48 -12.03 12.93
N LEU B 182 6.84 -12.61 14.08
CA LEU B 182 7.58 -13.88 14.10
C LEU B 182 6.79 -15.09 13.57
N LYS B 183 5.49 -15.16 13.84
CA LYS B 183 4.69 -16.27 13.29
C LYS B 183 4.69 -16.21 11.75
N ALA B 184 4.69 -14.99 11.20
CA ALA B 184 4.62 -14.78 9.75
C ALA B 184 5.90 -15.19 9.03
N MET B 185 7.04 -14.98 9.68
CA MET B 185 8.34 -15.48 9.23
C MET B 185 8.41 -17.02 9.22
N GLN B 186 7.74 -17.63 10.18
CA GLN B 186 7.70 -19.08 10.24
C GLN B 186 6.76 -19.68 9.18
N THR B 187 5.62 -19.05 8.96
CA THR B 187 4.63 -19.53 7.98
C THR B 187 4.75 -18.76 6.67
N TRP B 188 5.99 -18.55 6.23
CA TRP B 188 6.30 -17.66 5.11
C TRP B 188 5.97 -18.41 3.83
N THR B 189 4.93 -17.95 3.11
CA THR B 189 4.43 -18.54 1.86
C THR B 189 4.72 -17.64 0.63
N PRO B 190 6.04 -17.47 0.29
CA PRO B 190 6.38 -16.66 -0.90
C PRO B 190 6.03 -17.39 -2.22
N PRO B 191 6.08 -16.67 -3.38
CA PRO B 191 6.04 -17.36 -4.67
C PRO B 191 7.30 -18.22 -4.91
N ALA B 192 7.09 -19.36 -5.60
CA ALA B 192 8.15 -20.29 -6.03
C ALA B 192 9.23 -19.59 -6.90
N PRO B 193 10.54 -19.93 -6.75
CA PRO B 193 11.66 -19.28 -7.45
C PRO B 193 11.44 -18.99 -8.95
N LYS B 194 10.94 -19.97 -9.71
CA LYS B 194 10.59 -19.75 -11.15
C LYS B 194 9.62 -18.60 -11.48
N TRP B 195 8.83 -18.14 -10.49
CA TRP B 195 8.02 -16.91 -10.65
C TRP B 195 8.81 -15.63 -10.31
N LEU B 196 9.84 -15.75 -9.47
CA LEU B 196 10.71 -14.62 -9.08
C LEU B 196 11.89 -14.40 -10.03
N THR C 9 -25.44 25.25 -6.72
CA THR C 9 -26.17 25.57 -5.46
C THR C 9 -27.29 24.55 -5.20
N LEU C 10 -27.66 24.40 -3.93
CA LEU C 10 -28.29 23.18 -3.48
C LEU C 10 -29.81 23.23 -3.51
N GLN C 11 -30.41 23.22 -4.70
CA GLN C 11 -31.88 23.26 -4.82
C GLN C 11 -32.57 21.91 -4.53
N ARG C 12 -31.86 20.80 -4.78
CA ARG C 12 -32.44 19.45 -4.66
C ARG C 12 -31.57 18.50 -3.85
N VAL C 13 -32.23 17.56 -3.18
CA VAL C 13 -31.60 16.68 -2.22
C VAL C 13 -32.09 15.22 -2.43
N THR C 14 -31.14 14.32 -2.70
CA THR C 14 -31.46 12.93 -2.99
C THR C 14 -31.28 12.16 -1.73
N VAL C 15 -32.32 11.44 -1.35
CA VAL C 15 -32.43 10.81 -0.08
C VAL C 15 -32.65 9.30 -0.23
N PHE C 16 -31.74 8.56 0.40
CA PHE C 16 -31.80 7.12 0.54
C PHE C 16 -32.25 6.83 1.92
N THR C 17 -33.28 6.00 2.03
CA THR C 17 -33.81 5.60 3.30
C THR C 17 -34.60 4.27 3.13
N GLY C 18 -34.92 3.63 4.26
CA GLY C 18 -35.35 2.23 4.25
C GLY C 18 -36.76 2.03 3.70
N SER C 19 -37.03 0.82 3.24
CA SER C 19 -38.36 0.47 2.74
C SER C 19 -39.26 0.06 3.92
N ALA C 20 -38.64 -0.22 5.05
CA ALA C 20 -39.34 -0.43 6.30
C ALA C 20 -39.32 0.89 7.07
N LEU C 21 -40.10 0.93 8.14
CA LEU C 21 -40.28 2.12 8.98
C LEU C 21 -39.31 2.12 10.17
N GLY C 22 -38.97 0.95 10.69
CA GLY C 22 -38.05 0.85 11.82
C GLY C 22 -38.83 0.58 13.09
N SER C 23 -38.14 0.08 14.11
CA SER C 23 -38.73 -0.38 15.40
C SER C 23 -39.32 0.75 16.25
N SER C 24 -38.82 1.97 16.08
CA SER C 24 -39.26 3.11 16.84
C SER C 24 -39.79 4.17 15.88
N SER C 25 -40.68 5.03 16.39
CA SER C 25 -41.20 6.14 15.59
C SER C 25 -40.23 7.34 15.51
N LEU C 26 -39.09 7.30 16.22
CA LEU C 26 -38.01 8.31 16.04
C LEU C 26 -37.64 8.61 14.56
N TYR C 27 -37.50 7.56 13.77
CA TYR C 27 -37.02 7.66 12.38
C TYR C 27 -38.05 8.47 11.56
N THR C 28 -39.31 7.99 11.56
CA THR C 28 -40.45 8.72 11.00
C THR C 28 -40.38 10.21 11.37
N GLN C 29 -40.33 10.49 12.67
CA GLN C 29 -40.28 11.88 13.20
C GLN C 29 -39.14 12.71 12.65
N ALA C 30 -37.96 12.08 12.58
CA ALA C 30 -36.74 12.71 12.08
C ALA C 30 -36.81 12.95 10.59
N ALA C 31 -37.39 11.99 9.88
CA ALA C 31 -37.65 12.18 8.47
C ALA C 31 -38.54 13.43 8.30
N GLN C 32 -39.63 13.45 9.09
CA GLN C 32 -40.59 14.57 9.00
C GLN C 32 -39.92 15.91 9.25
N THR C 33 -39.23 15.98 10.39
CA THR C 33 -38.44 17.12 10.77
C THR C 33 -37.49 17.62 9.64
N LEU C 34 -36.87 16.68 8.94
CA LEU C 34 -35.90 17.03 7.91
C LEU C 34 -36.62 17.55 6.66
N ALA C 35 -37.76 16.91 6.33
CA ALA C 35 -38.63 17.43 5.25
C ALA C 35 -39.01 18.88 5.53
N LYS C 36 -39.73 19.15 6.64
CA LYS C 36 -40.12 20.54 7.01
C LYS C 36 -38.91 21.47 6.92
N THR C 37 -37.81 21.06 7.53
CA THR C 37 -36.61 21.89 7.55
C THR C 37 -36.11 22.20 6.14
N ALA C 38 -36.06 21.18 5.30
CA ALA C 38 -35.65 21.35 3.91
C ALA C 38 -36.65 22.16 3.11
N VAL C 39 -37.94 21.88 3.29
CA VAL C 39 -38.97 22.65 2.57
C VAL C 39 -38.94 24.15 2.95
N ASP C 40 -38.74 24.47 4.24
CA ASP C 40 -38.60 25.88 4.69
C ASP C 40 -37.42 26.63 4.01
N ARG C 41 -36.43 25.91 3.49
CA ARG C 41 -35.33 26.56 2.73
C ARG C 41 -35.47 26.39 1.20
N GLY C 42 -36.64 26.00 0.71
CA GLY C 42 -36.88 25.89 -0.74
C GLY C 42 -36.04 24.84 -1.48
N ILE C 43 -35.88 23.68 -0.87
CA ILE C 43 -35.09 22.55 -1.37
C ILE C 43 -36.02 21.39 -1.59
N ASP C 44 -35.89 20.73 -2.73
CA ASP C 44 -36.81 19.62 -3.06
C ASP C 44 -36.19 18.23 -2.82
N LEU C 45 -37.06 17.26 -2.72
CA LEU C 45 -36.69 15.89 -2.57
C LEU C 45 -36.54 15.17 -3.92
N VAL C 46 -35.48 14.37 -4.02
CA VAL C 46 -35.33 13.31 -5.07
C VAL C 46 -35.19 11.98 -4.30
N TYR C 47 -36.05 11.02 -4.57
CA TYR C 47 -36.05 9.74 -3.87
C TYR C 47 -36.45 8.61 -4.84
N GLY C 48 -36.65 7.41 -4.32
CA GLY C 48 -36.91 6.22 -5.15
C GLY C 48 -38.34 5.99 -5.59
N GLY C 49 -39.23 6.97 -5.32
CA GLY C 49 -40.58 6.99 -5.87
C GLY C 49 -41.62 6.10 -5.21
N GLY C 50 -41.26 5.51 -4.07
CA GLY C 50 -42.12 4.54 -3.39
C GLY C 50 -43.02 5.13 -2.34
N LYS C 51 -43.86 4.26 -1.79
CA LYS C 51 -44.80 4.59 -0.73
C LYS C 51 -44.57 3.79 0.56
N VAL C 52 -43.73 2.74 0.54
CA VAL C 52 -43.41 1.97 1.77
C VAL C 52 -42.41 2.70 2.69
N GLY C 53 -42.54 2.43 3.99
CA GLY C 53 -41.55 2.83 4.99
C GLY C 53 -41.16 4.29 4.94
N LEU C 54 -39.92 4.56 5.31
CA LEU C 54 -39.45 5.94 5.43
C LEU C 54 -39.34 6.65 4.10
N MET C 55 -39.31 5.92 3.00
CA MET C 55 -39.33 6.52 1.68
C MET C 55 -40.65 7.26 1.47
N GLY C 56 -41.76 6.58 1.78
CA GLY C 56 -43.08 7.16 1.71
C GLY C 56 -43.33 8.23 2.77
N ILE C 57 -42.77 8.04 3.98
CA ILE C 57 -42.86 9.06 5.05
C ILE C 57 -42.16 10.34 4.60
N VAL C 58 -40.93 10.19 4.12
CA VAL C 58 -40.13 11.38 3.78
C VAL C 58 -40.72 12.16 2.62
N ALA C 59 -41.33 11.45 1.67
CA ALA C 59 -41.88 12.10 0.47
C ALA C 59 -43.19 12.78 0.77
N ASP C 60 -44.09 12.07 1.46
CA ASP C 60 -45.31 12.66 2.06
C ASP C 60 -44.99 13.92 2.83
N ALA C 61 -44.05 13.81 3.78
CA ALA C 61 -43.72 14.95 4.65
C ALA C 61 -43.33 16.18 3.82
N PHE C 62 -42.49 15.98 2.80
CA PHE C 62 -42.13 17.06 1.86
C PHE C 62 -43.38 17.67 1.18
N LEU C 63 -44.21 16.82 0.56
CA LEU C 63 -45.42 17.28 -0.16
C LEU C 63 -46.38 18.07 0.77
N GLU C 64 -46.67 17.52 1.96
CA GLU C 64 -47.52 18.18 2.96
C GLU C 64 -46.95 19.40 3.70
N SER C 65 -45.63 19.63 3.63
CA SER C 65 -45.05 20.93 3.98
C SER C 65 -45.08 21.87 2.78
N GLY C 66 -45.66 21.39 1.68
CA GLY C 66 -45.78 22.18 0.47
C GLY C 66 -44.50 22.30 -0.31
N GLY C 67 -43.67 21.24 -0.29
CA GLY C 67 -42.49 21.12 -1.14
C GLY C 67 -42.74 20.28 -2.38
N GLU C 68 -41.76 20.21 -3.27
CA GLU C 68 -41.78 19.29 -4.43
C GLU C 68 -41.01 17.95 -4.19
N ALA C 69 -41.52 16.85 -4.76
CA ALA C 69 -40.91 15.51 -4.65
C ALA C 69 -40.90 14.78 -6.01
N PHE C 70 -39.70 14.37 -6.41
CA PHE C 70 -39.39 13.79 -7.69
C PHE C 70 -39.00 12.33 -7.42
N GLY C 71 -39.79 11.38 -7.91
CA GLY C 71 -39.54 9.96 -7.66
C GLY C 71 -38.89 9.37 -8.89
N VAL C 72 -38.04 8.35 -8.68
CA VAL C 72 -37.39 7.57 -9.74
C VAL C 72 -37.56 6.08 -9.45
N ILE C 73 -38.06 5.33 -10.43
CA ILE C 73 -38.53 3.95 -10.21
C ILE C 73 -38.45 3.16 -11.52
N THR C 74 -38.65 1.86 -11.42
CA THR C 74 -38.80 0.99 -12.58
C THR C 74 -40.17 0.30 -12.51
N GLU C 75 -40.50 -0.40 -13.60
CA GLU C 75 -41.73 -1.22 -13.66
C GLU C 75 -41.58 -2.40 -12.65
N SER C 76 -40.40 -3.02 -12.66
CA SER C 76 -39.97 -3.86 -11.54
C SER C 76 -39.78 -3.03 -10.26
N GLY C 83 -45.37 2.38 -6.39
CA GLY C 83 -45.14 3.67 -7.00
C GLY C 83 -46.03 4.72 -6.38
N HIS C 84 -45.50 5.91 -6.10
CA HIS C 84 -46.25 6.98 -5.44
C HIS C 84 -46.99 7.83 -6.47
N GLU C 85 -48.30 8.03 -6.27
CA GLU C 85 -49.19 8.58 -7.31
C GLU C 85 -49.36 10.12 -7.31
N LYS C 86 -49.05 10.80 -6.22
CA LYS C 86 -49.23 12.26 -6.14
C LYS C 86 -47.94 13.07 -6.14
N LEU C 87 -46.88 12.57 -6.76
CA LEU C 87 -45.60 13.33 -6.76
C LEU C 87 -45.62 14.57 -7.64
N THR C 88 -44.58 15.40 -7.56
CA THR C 88 -44.41 16.51 -8.50
C THR C 88 -44.11 15.87 -9.84
N GLU C 89 -43.43 14.73 -9.76
CA GLU C 89 -43.07 13.92 -10.92
C GLU C 89 -42.68 12.52 -10.44
N LEU C 90 -43.04 11.50 -11.24
CA LEU C 90 -42.48 10.16 -11.12
C LEU C 90 -41.84 9.80 -12.45
N GLU C 91 -40.52 9.64 -12.47
CA GLU C 91 -39.85 9.15 -13.66
C GLU C 91 -39.77 7.62 -13.65
N ILE C 92 -40.32 6.95 -14.67
CA ILE C 92 -40.11 5.49 -14.83
C ILE C 92 -38.96 5.26 -15.80
N VAL C 93 -38.05 4.36 -15.44
CA VAL C 93 -36.83 4.12 -16.21
C VAL C 93 -36.62 2.62 -16.42
N PRO C 94 -35.80 2.22 -17.43
CA PRO C 94 -35.76 0.79 -17.84
C PRO C 94 -35.23 -0.18 -16.80
N ASP C 95 -34.10 0.16 -16.15
CA ASP C 95 -33.44 -0.71 -15.16
C ASP C 95 -33.00 0.04 -13.88
N MET C 96 -32.53 -0.74 -12.90
CA MET C 96 -32.02 -0.21 -11.62
C MET C 96 -30.80 0.66 -11.78
N HIS C 97 -29.97 0.36 -12.77
CA HIS C 97 -28.77 1.11 -13.07
C HIS C 97 -29.12 2.54 -13.46
N ILE C 98 -30.17 2.71 -14.26
CA ILE C 98 -30.53 4.04 -14.75
C ILE C 98 -31.15 4.88 -13.61
N ARG C 99 -32.02 4.25 -12.84
CA ARG C 99 -32.64 4.76 -11.64
C ARG C 99 -31.61 5.45 -10.74
N LYS C 100 -30.52 4.75 -10.44
CA LYS C 100 -29.48 5.30 -9.56
C LYS C 100 -28.76 6.46 -10.21
N ARG C 101 -28.37 6.31 -11.47
CA ARG C 101 -27.65 7.35 -12.18
C ARG C 101 -28.55 8.60 -12.28
N ARG C 102 -29.86 8.39 -12.39
CA ARG C 102 -30.79 9.47 -12.59
C ARG C 102 -31.07 10.22 -11.28
N MET C 103 -31.30 9.47 -10.20
CA MET C 103 -31.38 10.04 -8.87
C MET C 103 -30.19 10.94 -8.57
N ALA C 104 -29.00 10.55 -9.02
CA ALA C 104 -27.80 11.34 -8.80
C ALA C 104 -27.67 12.54 -9.74
N GLU C 105 -28.31 12.41 -10.91
CA GLU C 105 -28.41 13.53 -11.87
C GLU C 105 -29.36 14.63 -11.35
N LEU C 106 -30.53 14.22 -10.85
CA LEU C 106 -31.49 15.17 -10.31
C LEU C 106 -31.04 15.89 -9.01
N GLY C 107 -30.16 15.25 -8.24
CA GLY C 107 -29.82 15.75 -6.91
C GLY C 107 -28.59 16.57 -6.97
N ASP C 108 -28.54 17.57 -6.08
CA ASP C 108 -27.33 18.39 -5.90
C ASP C 108 -26.47 17.94 -4.68
N GLY C 109 -26.95 16.92 -4.00
CA GLY C 109 -26.27 16.42 -2.81
C GLY C 109 -27.03 15.21 -2.41
N PHE C 110 -26.46 14.39 -1.53
CA PHE C 110 -27.10 13.12 -1.05
C PHE C 110 -27.16 13.02 0.49
N ILE C 111 -28.25 12.43 0.97
CA ILE C 111 -28.53 12.21 2.36
C ILE C 111 -28.93 10.74 2.57
N ALA C 112 -28.22 10.06 3.46
CA ALA C 112 -28.56 8.72 3.90
C ALA C 112 -29.20 8.81 5.30
N MET C 113 -30.44 8.41 5.41
CA MET C 113 -31.16 8.37 6.67
C MET C 113 -31.20 6.89 7.05
N PRO C 114 -31.65 6.57 8.26
CA PRO C 114 -31.80 5.19 8.61
C PRO C 114 -32.46 4.32 7.54
N GLY C 115 -31.94 3.11 7.40
CA GLY C 115 -32.44 2.17 6.39
C GLY C 115 -31.65 0.87 6.45
N GLY C 116 -31.89 -0.01 5.46
CA GLY C 116 -31.23 -1.29 5.37
C GLY C 116 -30.13 -1.36 4.32
N ALA C 117 -30.03 -2.54 3.70
CA ALA C 117 -28.90 -2.84 2.84
C ALA C 117 -28.97 -2.11 1.52
N GLY C 118 -30.20 -1.90 1.06
CA GLY C 118 -30.45 -1.08 -0.12
C GLY C 118 -29.88 0.32 0.10
N THR C 119 -30.16 0.89 1.27
CA THR C 119 -29.69 2.23 1.65
C THR C 119 -28.18 2.28 1.66
N LEU C 120 -27.58 1.28 2.29
CA LEU C 120 -26.10 1.20 2.34
C LEU C 120 -25.49 1.11 0.95
N GLU C 121 -26.12 0.30 0.10
CA GLU C 121 -25.62 0.12 -1.26
C GLU C 121 -25.74 1.42 -1.97
N GLU C 122 -26.91 2.01 -1.90
CA GLU C 122 -27.10 3.33 -2.51
C GLU C 122 -26.03 4.30 -1.96
N LEU C 123 -25.86 4.37 -0.63
CA LEU C 123 -24.86 5.28 -0.09
C LEU C 123 -23.50 5.00 -0.69
N PHE C 124 -23.12 3.71 -0.69
CA PHE C 124 -21.76 3.30 -1.08
C PHE C 124 -21.50 3.51 -2.57
N GLU C 125 -22.54 3.36 -3.38
CA GLU C 125 -22.38 3.66 -4.80
C GLU C 125 -22.06 5.14 -5.01
N VAL C 126 -22.87 6.02 -4.40
CA VAL C 126 -22.67 7.47 -4.60
C VAL C 126 -21.39 7.92 -3.93
N TRP C 127 -20.97 7.24 -2.87
CA TRP C 127 -19.73 7.61 -2.22
C TRP C 127 -18.51 7.24 -3.07
N THR C 128 -18.49 6.03 -3.63
CA THR C 128 -17.41 5.62 -4.55
C THR C 128 -17.44 6.37 -5.90
N TRP C 129 -18.61 6.80 -6.38
CA TRP C 129 -18.63 7.73 -7.54
C TRP C 129 -17.93 9.08 -7.24
N GLN C 130 -18.21 9.66 -6.08
CA GLN C 130 -17.48 10.84 -5.57
C GLN C 130 -15.98 10.51 -5.53
N GLN C 131 -15.62 9.40 -4.88
CA GLN C 131 -14.23 8.95 -4.75
C GLN C 131 -13.48 8.87 -6.07
N LEU C 132 -14.14 8.36 -7.11
CA LEU C 132 -13.54 8.21 -8.44
C LEU C 132 -13.65 9.47 -9.35
N GLY C 133 -14.14 10.59 -8.81
CA GLY C 133 -14.22 11.86 -9.56
C GLY C 133 -15.33 12.04 -10.60
N ILE C 134 -16.37 11.21 -10.57
CA ILE C 134 -17.47 11.33 -11.54
C ILE C 134 -18.53 12.40 -11.14
N HIS C 135 -18.69 12.65 -9.84
CA HIS C 135 -19.40 13.84 -9.35
C HIS C 135 -18.63 14.43 -8.15
N GLN C 136 -18.97 15.67 -7.82
CA GLN C 136 -18.24 16.51 -6.87
C GLN C 136 -19.22 17.16 -5.88
N LYS C 137 -20.20 16.38 -5.40
CA LYS C 137 -21.31 16.84 -4.58
C LYS C 137 -21.29 16.28 -3.13
N PRO C 138 -21.83 17.02 -2.16
CA PRO C 138 -21.75 16.53 -0.78
C PRO C 138 -22.60 15.26 -0.51
N VAL C 139 -22.05 14.38 0.34
CA VAL C 139 -22.69 13.19 0.84
C VAL C 139 -22.76 13.27 2.34
N ALA C 140 -23.97 13.11 2.87
CA ALA C 140 -24.27 13.39 4.26
C ALA C 140 -25.02 12.25 4.90
N LEU C 141 -24.54 11.82 6.07
CA LEU C 141 -25.23 10.87 6.90
C LEU C 141 -26.14 11.60 7.91
N TYR C 142 -27.40 11.19 8.01
CA TYR C 142 -28.33 11.74 8.99
C TYR C 142 -28.36 10.80 10.20
N ASP C 143 -27.63 11.20 11.24
CA ASP C 143 -27.16 10.29 12.29
C ASP C 143 -28.20 10.29 13.40
N VAL C 144 -29.37 9.76 13.06
CA VAL C 144 -30.53 9.75 13.92
C VAL C 144 -30.29 8.73 15.02
N ASP C 145 -30.18 9.20 16.26
CA ASP C 145 -29.94 8.33 17.40
C ASP C 145 -28.56 7.67 17.28
N GLY C 146 -27.63 8.30 16.56
CA GLY C 146 -26.30 7.70 16.37
C GLY C 146 -26.28 6.46 15.51
N PHE C 147 -27.30 6.32 14.66
CA PHE C 147 -27.49 5.15 13.79
C PHE C 147 -26.25 4.82 12.95
N TRP C 148 -25.65 5.85 12.35
CA TRP C 148 -24.45 5.66 11.52
C TRP C 148 -23.08 5.48 12.29
N GLN C 149 -23.06 5.45 13.62
CA GLN C 149 -21.77 5.40 14.34
C GLN C 149 -21.01 4.09 14.09
N PRO C 150 -21.73 2.95 14.06
CA PRO C 150 -21.04 1.71 13.71
C PRO C 150 -20.38 1.70 12.34
N LEU C 151 -21.08 2.25 11.33
CA LEU C 151 -20.51 2.33 10.00
C LEU C 151 -19.29 3.25 10.00
N LEU C 152 -19.38 4.37 10.72
CA LEU C 152 -18.27 5.28 10.90
C LEU C 152 -17.03 4.66 11.56
N GLU C 153 -17.22 3.74 12.50
CA GLU C 153 -16.09 3.01 13.10
C GLU C 153 -15.49 2.04 12.09
N MET C 154 -16.34 1.42 11.25
CA MET C 154 -15.85 0.61 10.15
C MET C 154 -14.98 1.42 9.22
N LEU C 155 -15.44 2.59 8.80
CA LEU C 155 -14.65 3.41 7.88
C LEU C 155 -13.36 3.98 8.50
N GLU C 156 -13.41 4.24 9.80
CA GLU C 156 -12.23 4.71 10.53
C GLU C 156 -11.14 3.63 10.54
N GLN C 157 -11.57 2.39 10.86
CA GLN C 157 -10.67 1.22 10.90
C GLN C 157 -10.07 0.91 9.55
N MET C 158 -10.90 1.03 8.50
CA MET C 158 -10.46 0.86 7.14
C MET C 158 -9.39 1.88 6.77
N THR C 159 -9.54 3.14 7.21
CA THR C 159 -8.51 4.18 7.04
C THR C 159 -7.22 3.83 7.80
N GLN C 160 -7.38 3.37 9.04
CA GLN C 160 -6.24 2.99 9.89
C GLN C 160 -5.45 1.86 9.22
N ARG C 161 -6.18 0.88 8.72
CA ARG C 161 -5.58 -0.27 8.06
C ARG C 161 -5.02 0.04 6.68
N GLY C 162 -5.15 1.28 6.18
CA GLY C 162 -4.57 1.68 4.90
C GLY C 162 -5.38 1.36 3.64
N PHE C 163 -6.69 1.21 3.79
CA PHE C 163 -7.59 0.88 2.67
C PHE C 163 -8.40 2.05 2.15
N ILE C 164 -8.57 3.09 2.96
CA ILE C 164 -9.17 4.36 2.51
C ILE C 164 -8.20 5.49 2.84
N LYS C 165 -8.06 6.45 1.92
CA LYS C 165 -7.33 7.71 2.17
C LYS C 165 -8.05 8.59 3.23
N ARG C 166 -7.30 9.01 4.22
CA ARG C 166 -7.86 9.80 5.35
C ARG C 166 -8.54 11.07 4.88
N ASP C 167 -7.89 11.79 3.97
CA ASP C 167 -8.40 13.09 3.50
C ASP C 167 -9.69 12.94 2.67
N PHE C 168 -9.92 11.77 2.06
CA PHE C 168 -11.21 11.50 1.38
C PHE C 168 -12.35 11.15 2.37
N PHE C 169 -11.99 10.39 3.41
CA PHE C 169 -12.93 10.01 4.47
C PHE C 169 -13.44 11.23 5.20
N GLU C 170 -12.57 12.21 5.41
CA GLU C 170 -12.93 13.47 6.09
C GLU C 170 -13.87 14.45 5.33
N CYS C 171 -14.16 14.16 4.06
CA CYS C 171 -15.14 14.94 3.28
C CYS C 171 -16.63 14.54 3.47
N LEU C 172 -16.87 13.55 4.35
CA LEU C 172 -18.21 13.06 4.69
C LEU C 172 -18.85 13.89 5.80
N ILE C 173 -20.05 14.39 5.54
CA ILE C 173 -20.84 15.16 6.51
C ILE C 173 -21.60 14.16 7.39
N VAL C 174 -21.59 14.36 8.71
CA VAL C 174 -22.33 13.53 9.67
C VAL C 174 -22.97 14.45 10.68
N GLU C 175 -24.29 14.42 10.76
CA GLU C 175 -25.06 15.32 11.63
C GLU C 175 -26.33 14.65 12.16
N SER C 176 -26.66 14.96 13.41
CA SER C 176 -27.85 14.44 14.08
C SER C 176 -29.06 15.40 13.98
N ASP C 177 -28.78 16.67 13.74
CA ASP C 177 -29.77 17.72 13.68
C ASP C 177 -29.91 18.15 12.20
N PRO C 178 -31.16 18.20 11.67
CA PRO C 178 -31.42 18.53 10.24
C PRO C 178 -30.88 19.89 9.79
N HIS C 179 -30.90 20.88 10.68
CA HIS C 179 -30.48 22.23 10.35
C HIS C 179 -29.00 22.22 10.00
N ALA C 180 -28.21 21.60 10.89
CA ALA C 180 -26.75 21.52 10.73
C ALA C 180 -26.39 20.65 9.53
N LEU C 181 -27.17 19.59 9.34
CA LEU C 181 -27.01 18.72 8.20
C LEU C 181 -27.15 19.51 6.89
N LEU C 182 -28.29 20.19 6.72
CA LEU C 182 -28.54 21.02 5.52
C LEU C 182 -27.58 22.22 5.38
N LYS C 183 -27.24 22.84 6.51
CA LYS C 183 -26.24 23.91 6.55
C LYS C 183 -24.89 23.40 6.01
N ALA C 184 -24.43 22.25 6.53
CA ALA C 184 -23.18 21.66 6.03
C ALA C 184 -23.26 21.30 4.56
N MET C 185 -24.42 20.80 4.11
CA MET C 185 -24.56 20.44 2.69
C MET C 185 -24.48 21.68 1.79
N GLN C 186 -25.09 22.78 2.21
CA GLN C 186 -24.93 24.10 1.52
C GLN C 186 -23.47 24.57 1.41
N THR C 187 -22.81 24.64 2.56
CA THR C 187 -21.50 25.28 2.68
C THR C 187 -20.42 24.25 2.56
N TRP C 188 -20.23 23.74 1.34
CA TRP C 188 -19.39 22.56 1.10
C TRP C 188 -18.65 22.66 -0.24
N THR C 189 -17.33 22.45 -0.19
CA THR C 189 -16.45 22.54 -1.38
C THR C 189 -15.29 21.56 -1.22
N PRO C 190 -14.85 20.92 -2.33
CA PRO C 190 -13.87 19.84 -2.25
C PRO C 190 -12.47 20.30 -1.86
N THR D 9 -22.79 -26.25 -7.17
CA THR D 9 -21.46 -26.62 -6.61
C THR D 9 -20.40 -25.63 -7.10
N LEU D 10 -19.52 -25.22 -6.19
CA LEU D 10 -18.56 -24.13 -6.44
C LEU D 10 -17.39 -24.49 -7.33
N GLN D 11 -17.36 -23.94 -8.53
CA GLN D 11 -16.19 -24.05 -9.42
C GLN D 11 -15.44 -22.72 -9.49
N ARG D 12 -16.15 -21.61 -9.27
CA ARG D 12 -15.57 -20.28 -9.29
C ARG D 12 -16.14 -19.41 -8.16
N VAL D 13 -15.27 -18.87 -7.31
CA VAL D 13 -15.66 -17.83 -6.35
C VAL D 13 -15.35 -16.49 -6.96
N THR D 14 -16.17 -15.48 -6.69
CA THR D 14 -15.93 -14.09 -7.18
C THR D 14 -15.40 -13.36 -5.96
N VAL D 15 -14.20 -12.76 -6.06
CA VAL D 15 -13.55 -12.12 -4.90
C VAL D 15 -13.54 -10.60 -5.06
N PHE D 16 -14.08 -9.91 -4.07
CA PHE D 16 -13.96 -8.47 -3.91
C PHE D 16 -12.88 -8.19 -2.85
N THR D 17 -11.98 -7.26 -3.17
CA THR D 17 -10.88 -6.92 -2.29
C THR D 17 -10.21 -5.59 -2.69
N GLY D 18 -9.43 -5.02 -1.78
CA GLY D 18 -8.81 -3.69 -1.96
C GLY D 18 -7.82 -3.57 -3.11
N SER D 19 -7.72 -2.38 -3.66
CA SER D 19 -6.73 -2.06 -4.66
C SER D 19 -5.48 -1.47 -4.00
N ALA D 20 -5.55 -1.16 -2.71
CA ALA D 20 -4.36 -1.02 -1.89
C ALA D 20 -4.07 -2.37 -1.15
N LEU D 21 -2.87 -2.46 -0.58
CA LEU D 21 -2.40 -3.64 0.12
C LEU D 21 -2.80 -3.71 1.59
N GLY D 22 -2.90 -2.55 2.21
CA GLY D 22 -3.12 -2.43 3.64
C GLY D 22 -1.81 -2.11 4.34
N SER D 23 -1.93 -1.77 5.61
CA SER D 23 -0.83 -1.33 6.50
C SER D 23 0.18 -2.36 6.90
N SER D 24 -0.23 -3.63 6.89
CA SER D 24 0.61 -4.74 7.26
C SER D 24 0.55 -5.80 6.17
N SER D 25 1.45 -6.78 6.26
CA SER D 25 1.48 -7.90 5.34
C SER D 25 0.44 -8.98 5.65
N LEU D 26 -0.35 -8.76 6.69
CA LEU D 26 -1.31 -9.76 7.14
C LEU D 26 -2.44 -10.02 6.15
N TYR D 27 -2.83 -8.99 5.40
CA TYR D 27 -3.92 -9.10 4.45
C TYR D 27 -3.42 -9.86 3.24
N THR D 28 -2.18 -9.57 2.85
CA THR D 28 -1.47 -10.31 1.80
C THR D 28 -1.36 -11.79 2.10
N GLN D 29 -0.91 -12.18 3.29
CA GLN D 29 -0.76 -13.59 3.65
C GLN D 29 -2.11 -14.32 3.71
N ALA D 30 -3.13 -13.70 4.33
CA ALA D 30 -4.50 -14.26 4.36
C ALA D 30 -5.09 -14.50 2.99
N ALA D 31 -4.75 -13.65 2.03
CA ALA D 31 -5.21 -13.79 0.66
C ALA D 31 -4.51 -14.98 -0.06
N GLN D 32 -3.21 -15.07 0.20
CA GLN D 32 -2.36 -16.12 -0.29
C GLN D 32 -2.86 -17.47 0.23
N THR D 33 -3.19 -17.55 1.51
CA THR D 33 -3.70 -18.80 2.10
C THR D 33 -5.05 -19.18 1.52
N LEU D 34 -5.96 -18.20 1.46
CA LEU D 34 -7.28 -18.39 0.86
C LEU D 34 -7.11 -18.90 -0.54
N ALA D 35 -6.23 -18.27 -1.33
CA ALA D 35 -6.05 -18.72 -2.72
C ALA D 35 -5.58 -20.18 -2.81
N LYS D 36 -4.60 -20.57 -1.98
CA LYS D 36 -4.04 -21.90 -2.03
C LYS D 36 -5.08 -22.93 -1.59
N THR D 37 -5.73 -22.68 -0.47
CA THR D 37 -6.86 -23.48 -0.05
C THR D 37 -7.94 -23.62 -1.14
N ALA D 38 -8.18 -22.55 -1.88
CA ALA D 38 -9.16 -22.55 -2.93
C ALA D 38 -8.83 -23.61 -3.98
N VAL D 39 -7.61 -23.51 -4.52
CA VAL D 39 -7.17 -24.33 -5.62
C VAL D 39 -7.10 -25.81 -5.23
N ASP D 40 -6.53 -26.10 -4.06
CA ASP D 40 -6.60 -27.41 -3.41
C ASP D 40 -8.00 -28.05 -3.47
N ARG D 41 -9.07 -27.27 -3.24
CA ARG D 41 -10.44 -27.74 -3.41
C ARG D 41 -10.95 -27.63 -4.87
N GLY D 42 -10.06 -27.50 -5.86
CA GLY D 42 -10.46 -27.33 -7.26
C GLY D 42 -11.33 -26.12 -7.61
N ILE D 43 -11.12 -24.99 -6.89
CA ILE D 43 -11.92 -23.78 -7.08
C ILE D 43 -11.09 -22.65 -7.72
N ASP D 44 -11.68 -21.99 -8.70
CA ASP D 44 -11.01 -20.92 -9.43
C ASP D 44 -11.53 -19.54 -9.03
N LEU D 45 -10.81 -18.53 -9.48
CA LEU D 45 -11.03 -17.15 -9.11
C LEU D 45 -11.68 -16.34 -10.21
N VAL D 46 -12.67 -15.54 -9.84
CA VAL D 46 -13.18 -14.47 -10.68
C VAL D 46 -12.98 -13.16 -9.94
N TYR D 47 -12.43 -12.15 -10.58
CA TYR D 47 -12.16 -10.89 -9.89
C TYR D 47 -12.07 -9.73 -10.89
N GLY D 48 -11.80 -8.53 -10.40
CA GLY D 48 -11.84 -7.32 -11.23
C GLY D 48 -10.70 -7.11 -12.19
N GLY D 49 -9.82 -8.08 -12.31
CA GLY D 49 -8.83 -8.08 -13.38
C GLY D 49 -7.64 -7.15 -13.26
N GLY D 50 -7.43 -6.58 -12.08
CA GLY D 50 -6.32 -5.66 -11.89
C GLY D 50 -5.09 -6.40 -11.35
N LYS D 51 -4.02 -5.64 -11.22
CA LYS D 51 -2.79 -6.14 -10.64
C LYS D 51 -2.24 -5.34 -9.45
N VAL D 52 -2.89 -4.25 -9.07
CA VAL D 52 -2.51 -3.50 -7.87
C VAL D 52 -3.15 -4.09 -6.61
N GLY D 53 -2.54 -3.79 -5.46
CA GLY D 53 -3.08 -4.15 -4.15
C GLY D 53 -3.41 -5.59 -3.94
N LEU D 54 -4.39 -5.85 -3.08
CA LEU D 54 -4.73 -7.23 -2.75
C LEU D 54 -5.36 -7.98 -3.92
N MET D 55 -5.85 -7.26 -4.93
CA MET D 55 -6.40 -7.86 -6.15
C MET D 55 -5.29 -8.60 -6.88
N GLY D 56 -4.20 -7.87 -7.14
CA GLY D 56 -2.96 -8.41 -7.71
C GLY D 56 -2.39 -9.60 -6.93
N ILE D 57 -2.40 -9.49 -5.61
CA ILE D 57 -1.94 -10.59 -4.78
C ILE D 57 -2.82 -11.83 -4.96
N VAL D 58 -4.15 -11.67 -4.87
CA VAL D 58 -5.01 -12.87 -4.91
C VAL D 58 -4.96 -13.55 -6.30
N ALA D 59 -4.95 -12.77 -7.37
CA ALA D 59 -4.78 -13.25 -8.71
C ALA D 59 -3.50 -14.11 -8.89
N ASP D 60 -2.33 -13.49 -8.68
CA ASP D 60 -1.04 -14.22 -8.59
C ASP D 60 -1.06 -15.44 -7.70
N ALA D 61 -1.52 -15.30 -6.47
CA ALA D 61 -1.60 -16.46 -5.61
C ALA D 61 -2.38 -17.65 -6.23
N PHE D 62 -3.47 -17.37 -6.96
CA PHE D 62 -4.31 -18.44 -7.59
C PHE D 62 -3.53 -19.10 -8.73
N LEU D 63 -3.03 -18.27 -9.64
CA LEU D 63 -2.16 -18.67 -10.75
C LEU D 63 -0.88 -19.45 -10.35
N GLU D 64 -0.22 -19.03 -9.28
CA GLU D 64 1.02 -19.70 -8.85
C GLU D 64 0.76 -21.06 -8.15
N SER D 65 -0.44 -21.32 -7.62
CA SER D 65 -0.81 -22.66 -7.07
C SER D 65 -1.47 -23.62 -8.07
N GLY D 66 -1.35 -23.34 -9.37
CA GLY D 66 -1.96 -24.18 -10.41
C GLY D 66 -3.44 -23.99 -10.62
N GLY D 67 -3.93 -22.77 -10.40
CA GLY D 67 -5.36 -22.44 -10.51
C GLY D 67 -5.60 -21.46 -11.63
N GLU D 68 -6.86 -21.30 -12.00
CA GLU D 68 -7.23 -20.36 -13.04
C GLU D 68 -7.75 -19.06 -12.43
N ALA D 69 -7.39 -17.93 -13.07
CA ALA D 69 -7.91 -16.60 -12.73
C ALA D 69 -8.62 -15.86 -13.90
N PHE D 70 -9.90 -15.53 -13.73
CA PHE D 70 -10.64 -14.74 -14.75
C PHE D 70 -10.83 -13.29 -14.28
N GLY D 71 -10.23 -12.34 -14.98
CA GLY D 71 -10.45 -10.92 -14.71
C GLY D 71 -11.59 -10.28 -15.52
N VAL D 72 -12.34 -9.39 -14.89
CA VAL D 72 -13.27 -8.53 -15.60
C VAL D 72 -12.98 -7.06 -15.33
N ILE D 73 -12.75 -6.31 -16.37
CA ILE D 73 -12.29 -4.96 -16.23
C ILE D 73 -12.96 -4.06 -17.26
N THR D 74 -12.97 -2.75 -17.02
CA THR D 74 -13.46 -1.79 -18.02
C THR D 74 -12.37 -1.29 -18.91
N GLU D 75 -12.80 -0.75 -20.05
CA GLU D 75 -11.91 -0.28 -21.11
C GLU D 75 -11.03 0.89 -20.68
N SER D 76 -11.51 1.76 -19.79
CA SER D 76 -10.73 2.95 -19.39
C SER D 76 -9.72 2.58 -18.33
N LEU D 77 -10.12 1.68 -17.42
CA LEU D 77 -9.16 1.01 -16.53
C LEU D 77 -8.09 0.25 -17.34
N MET D 78 -8.47 -0.25 -18.52
CA MET D 78 -7.50 -0.84 -19.46
C MET D 78 -6.49 0.17 -20.06
N LYS D 79 -6.95 1.23 -20.73
CA LYS D 79 -6.01 2.25 -21.28
C LYS D 79 -5.11 3.00 -20.25
N GLY D 80 -5.42 2.91 -18.96
CA GLY D 80 -4.56 3.43 -17.90
C GLY D 80 -3.44 2.47 -17.54
N LEU D 82 -3.06 -0.77 -16.17
CA LEU D 82 -3.75 -1.19 -14.93
C LEU D 82 -4.33 -2.64 -14.88
N GLY D 83 -4.47 -3.30 -16.04
CA GLY D 83 -4.93 -4.68 -16.17
C GLY D 83 -3.84 -5.76 -16.17
N HIS D 84 -4.19 -6.94 -15.70
CA HIS D 84 -3.27 -8.05 -15.43
C HIS D 84 -2.95 -8.81 -16.73
N GLU D 85 -1.66 -8.88 -17.09
CA GLU D 85 -1.28 -9.45 -18.39
C GLU D 85 -1.30 -10.99 -18.53
N LYS D 86 -1.52 -11.76 -17.47
CA LYS D 86 -1.30 -13.22 -17.48
C LYS D 86 -2.46 -14.04 -16.85
N LEU D 87 -3.70 -13.69 -17.11
CA LEU D 87 -4.81 -14.44 -16.50
C LEU D 87 -5.19 -15.56 -17.47
N THR D 88 -5.87 -16.58 -16.96
CA THR D 88 -6.65 -17.49 -17.82
C THR D 88 -7.50 -16.71 -18.86
N GLU D 89 -8.10 -15.59 -18.44
CA GLU D 89 -8.87 -14.71 -19.34
C GLU D 89 -9.11 -13.33 -18.72
N LEU D 90 -8.96 -12.31 -19.54
CA LEU D 90 -9.29 -10.96 -19.16
C LEU D 90 -10.42 -10.40 -20.04
N GLU D 91 -11.62 -10.29 -19.50
CA GLU D 91 -12.75 -9.69 -20.22
C GLU D 91 -12.75 -8.15 -20.10
N ILE D 92 -12.63 -7.43 -21.21
CA ILE D 92 -12.78 -5.97 -21.16
C ILE D 92 -14.20 -5.56 -21.52
N VAL D 93 -14.89 -4.83 -20.64
CA VAL D 93 -16.31 -4.47 -20.89
C VAL D 93 -16.47 -2.94 -20.94
N PRO D 94 -17.60 -2.47 -21.54
CA PRO D 94 -17.66 -1.01 -21.83
C PRO D 94 -17.70 -0.12 -20.55
N ASP D 95 -18.36 -0.61 -19.49
CA ASP D 95 -18.53 0.17 -18.25
C ASP D 95 -18.68 -0.70 -16.98
N MET D 96 -18.70 -0.01 -15.84
CA MET D 96 -18.78 -0.63 -14.50
C MET D 96 -19.97 -1.51 -14.25
N HIS D 97 -21.12 -1.13 -14.79
CA HIS D 97 -22.38 -1.87 -14.52
C HIS D 97 -22.29 -3.30 -15.02
N ILE D 98 -21.85 -3.45 -16.26
CA ILE D 98 -21.67 -4.76 -16.89
C ILE D 98 -20.55 -5.50 -16.20
N ARG D 99 -19.47 -4.79 -15.90
CA ARG D 99 -18.36 -5.41 -15.15
C ARG D 99 -18.82 -6.19 -13.96
N LYS D 100 -19.69 -5.56 -13.17
CA LYS D 100 -20.25 -6.20 -12.00
C LYS D 100 -21.24 -7.28 -12.36
N ARG D 101 -22.00 -7.09 -13.44
CA ARG D 101 -22.87 -8.18 -13.92
C ARG D 101 -22.05 -9.41 -14.36
N ARG D 102 -21.01 -9.21 -15.17
CA ARG D 102 -20.16 -10.33 -15.59
C ARG D 102 -19.49 -11.04 -14.41
N MET D 103 -18.88 -10.26 -13.52
CA MET D 103 -18.27 -10.86 -12.34
C MET D 103 -19.27 -11.69 -11.55
N ALA D 104 -20.49 -11.22 -11.47
CA ALA D 104 -21.50 -11.99 -10.78
C ALA D 104 -21.92 -13.26 -11.58
N GLU D 105 -22.01 -13.15 -12.89
CA GLU D 105 -22.42 -14.31 -13.73
C GLU D 105 -21.39 -15.43 -13.72
N LEU D 106 -20.11 -15.06 -13.87
CA LEU D 106 -19.02 -16.03 -13.90
C LEU D 106 -18.84 -16.86 -12.60
N GLY D 107 -19.28 -16.34 -11.46
CA GLY D 107 -19.01 -17.00 -10.19
C GLY D 107 -20.20 -17.65 -9.57
N ASP D 108 -19.94 -18.64 -8.72
CA ASP D 108 -20.96 -19.41 -8.08
C ASP D 108 -21.18 -18.98 -6.64
N GLY D 109 -20.37 -18.03 -6.17
CA GLY D 109 -20.40 -17.52 -4.79
C GLY D 109 -19.49 -16.29 -4.69
N PHE D 110 -19.67 -15.50 -3.64
CA PHE D 110 -18.97 -14.20 -3.53
C PHE D 110 -18.18 -14.14 -2.24
N ILE D 111 -16.92 -13.68 -2.34
CA ILE D 111 -16.07 -13.46 -1.13
C ILE D 111 -15.65 -12.00 -1.03
N ALA D 112 -15.80 -11.44 0.19
CA ALA D 112 -15.38 -10.09 0.50
C ALA D 112 -14.16 -10.18 1.38
N MET D 113 -12.99 -9.96 0.79
CA MET D 113 -11.74 -9.84 1.55
C MET D 113 -11.62 -8.41 1.98
N PRO D 114 -10.69 -8.13 2.92
CA PRO D 114 -10.40 -6.77 3.26
C PRO D 114 -10.23 -5.85 2.06
N GLY D 115 -10.71 -4.61 2.20
CA GLY D 115 -10.58 -3.58 1.14
C GLY D 115 -11.34 -2.30 1.53
N GLY D 116 -11.49 -1.39 0.56
CA GLY D 116 -12.02 -0.05 0.79
C GLY D 116 -13.51 0.17 0.48
N ALA D 117 -13.84 1.39 0.05
CA ALA D 117 -15.22 1.72 -0.29
C ALA D 117 -15.75 0.94 -1.49
N GLY D 118 -14.86 0.68 -2.45
CA GLY D 118 -15.17 -0.08 -3.66
C GLY D 118 -15.55 -1.51 -3.34
N THR D 119 -14.74 -2.12 -2.49
CA THR D 119 -15.05 -3.41 -1.98
C THR D 119 -16.38 -3.43 -1.27
N LEU D 120 -16.64 -2.41 -0.43
CA LEU D 120 -17.92 -2.35 0.30
C LEU D 120 -19.13 -2.18 -0.61
N GLU D 121 -19.00 -1.34 -1.62
CA GLU D 121 -20.05 -1.18 -2.65
C GLU D 121 -20.28 -2.53 -3.32
N GLU D 122 -19.23 -3.14 -3.85
CA GLU D 122 -19.40 -4.46 -4.54
C GLU D 122 -20.14 -5.43 -3.64
N LEU D 123 -19.66 -5.55 -2.40
CA LEU D 123 -20.29 -6.43 -1.42
C LEU D 123 -21.77 -6.15 -1.32
N PHE D 124 -22.11 -4.89 -1.05
CA PHE D 124 -23.51 -4.51 -0.84
C PHE D 124 -24.37 -4.69 -2.06
N GLU D 125 -23.81 -4.44 -3.24
CA GLU D 125 -24.48 -4.77 -4.50
C GLU D 125 -24.93 -6.23 -4.56
N VAL D 126 -23.99 -7.18 -4.38
CA VAL D 126 -24.30 -8.61 -4.52
C VAL D 126 -25.16 -9.12 -3.39
N TRP D 127 -25.00 -8.52 -2.21
CA TRP D 127 -25.81 -8.90 -1.07
C TRP D 127 -27.30 -8.48 -1.24
N THR D 128 -27.56 -7.28 -1.73
CA THR D 128 -28.92 -6.90 -2.10
C THR D 128 -29.48 -7.67 -3.31
N TRP D 129 -28.65 -7.93 -4.32
CA TRP D 129 -29.09 -8.79 -5.42
C TRP D 129 -29.57 -10.14 -4.91
N GLN D 130 -28.84 -10.70 -3.94
CA GLN D 130 -29.28 -11.90 -3.23
C GLN D 130 -30.64 -11.63 -2.55
N GLN D 131 -30.72 -10.54 -1.80
CA GLN D 131 -31.94 -10.12 -1.10
C GLN D 131 -33.19 -10.04 -2.01
N LEU D 132 -33.03 -9.41 -3.18
CA LEU D 132 -34.15 -9.20 -4.12
C LEU D 132 -34.57 -10.46 -4.87
N GLY D 133 -33.60 -11.29 -5.26
CA GLY D 133 -33.86 -12.53 -6.00
C GLY D 133 -33.12 -12.72 -7.32
N ILE D 134 -32.34 -11.72 -7.72
CA ILE D 134 -31.49 -11.77 -8.94
C ILE D 134 -30.59 -13.02 -9.03
N HIS D 135 -29.92 -13.39 -7.93
CA HIS D 135 -29.18 -14.67 -7.83
C HIS D 135 -29.49 -15.32 -6.51
N GLN D 136 -29.19 -16.61 -6.42
CA GLN D 136 -29.27 -17.35 -5.15
C GLN D 136 -27.91 -17.94 -4.72
N LYS D 137 -26.80 -17.26 -5.04
CA LYS D 137 -25.41 -17.72 -4.72
C LYS D 137 -24.85 -17.21 -3.36
N PRO D 138 -24.11 -18.03 -2.61
CA PRO D 138 -23.69 -17.64 -1.24
C PRO D 138 -22.72 -16.44 -1.19
N VAL D 139 -22.87 -15.60 -0.16
CA VAL D 139 -22.01 -14.43 0.06
C VAL D 139 -21.25 -14.60 1.38
N ALA D 140 -19.93 -14.31 1.33
CA ALA D 140 -19.03 -14.57 2.44
C ALA D 140 -18.10 -13.40 2.73
N LEU D 141 -17.93 -13.09 4.01
CA LEU D 141 -16.92 -12.14 4.50
C LEU D 141 -15.68 -12.91 5.04
N TYR D 142 -14.51 -12.68 4.45
CA TYR D 142 -13.27 -13.25 4.95
C TYR D 142 -12.74 -12.34 6.07
N ASP D 143 -12.96 -12.78 7.30
CA ASP D 143 -12.76 -11.95 8.49
C ASP D 143 -11.31 -11.97 9.04
N VAL D 144 -10.41 -11.36 8.31
CA VAL D 144 -8.98 -11.38 8.63
C VAL D 144 -8.68 -10.43 9.82
N ASP D 145 -8.25 -10.96 10.98
CA ASP D 145 -8.00 -10.13 12.18
C ASP D 145 -9.23 -9.27 12.56
N GLY D 146 -10.40 -9.89 12.48
CA GLY D 146 -11.65 -9.23 12.77
C GLY D 146 -12.00 -8.02 11.93
N PHE D 147 -11.51 -7.97 10.68
CA PHE D 147 -11.69 -6.80 9.77
C PHE D 147 -13.18 -6.38 9.61
N TRP D 148 -14.05 -7.35 9.39
CA TRP D 148 -15.47 -7.10 9.16
C TRP D 148 -16.34 -6.94 10.42
N GLN D 149 -15.75 -7.12 11.61
CA GLN D 149 -16.55 -7.01 12.85
C GLN D 149 -17.28 -5.69 13.03
N PRO D 150 -16.65 -4.56 12.70
CA PRO D 150 -17.42 -3.33 12.83
C PRO D 150 -18.60 -3.22 11.84
N LEU D 151 -18.49 -3.81 10.64
CA LEU D 151 -19.60 -3.82 9.70
C LEU D 151 -20.69 -4.76 10.21
N LEU D 152 -20.30 -5.91 10.74
CA LEU D 152 -21.27 -6.79 11.38
C LEU D 152 -22.03 -6.15 12.52
N GLU D 153 -21.35 -5.25 13.25
CA GLU D 153 -21.96 -4.48 14.33
C GLU D 153 -23.05 -3.57 13.73
N MET D 154 -22.72 -2.92 12.61
CA MET D 154 -23.69 -2.11 11.88
C MET D 154 -24.90 -2.94 11.45
N LEU D 155 -24.66 -4.10 10.85
CA LEU D 155 -25.72 -4.92 10.33
C LEU D 155 -26.58 -5.44 11.45
N GLU D 156 -25.95 -5.75 12.58
CA GLU D 156 -26.66 -6.20 13.75
C GLU D 156 -27.62 -5.11 14.25
N GLN D 157 -27.13 -3.88 14.37
CA GLN D 157 -27.95 -2.77 14.81
C GLN D 157 -29.09 -2.51 13.82
N MET D 158 -28.82 -2.58 12.51
CA MET D 158 -29.85 -2.49 11.52
C MET D 158 -30.98 -3.51 11.72
N THR D 159 -30.62 -4.75 12.06
CA THR D 159 -31.60 -5.83 12.28
C THR D 159 -32.46 -5.65 13.54
N GLN D 160 -31.85 -5.23 14.64
CA GLN D 160 -32.56 -4.91 15.89
C GLN D 160 -33.45 -3.69 15.73
N ARG D 161 -32.91 -2.67 15.06
CA ARG D 161 -33.64 -1.44 14.83
C ARG D 161 -34.76 -1.61 13.79
N GLY D 162 -34.75 -2.74 13.06
CA GLY D 162 -35.86 -3.15 12.19
C GLY D 162 -35.74 -2.93 10.69
N PHE D 163 -34.56 -2.61 10.15
CA PHE D 163 -34.42 -2.34 8.71
C PHE D 163 -33.97 -3.52 7.84
N ILE D 164 -33.45 -4.58 8.44
CA ILE D 164 -33.11 -5.81 7.69
C ILE D 164 -33.73 -7.00 8.43
N LYS D 165 -34.30 -7.94 7.68
CA LYS D 165 -34.93 -9.11 8.32
C LYS D 165 -33.85 -10.03 8.85
N ARG D 166 -34.04 -10.48 10.09
CA ARG D 166 -33.12 -11.42 10.78
C ARG D 166 -32.81 -12.69 9.95
N ASP D 167 -33.84 -13.22 9.29
CA ASP D 167 -33.71 -14.36 8.35
C ASP D 167 -32.54 -14.16 7.41
N PHE D 168 -32.63 -13.08 6.64
CA PHE D 168 -31.70 -12.79 5.56
C PHE D 168 -30.28 -12.52 6.07
N PHE D 169 -30.17 -11.73 7.14
CA PHE D 169 -28.91 -11.43 7.80
C PHE D 169 -28.12 -12.66 8.28
N GLU D 170 -28.80 -13.69 8.80
CA GLU D 170 -28.11 -14.91 9.32
C GLU D 170 -27.67 -15.92 8.24
N CYS D 171 -28.07 -15.69 6.98
CA CYS D 171 -27.52 -16.42 5.80
C CYS D 171 -26.12 -15.93 5.31
N LEU D 172 -25.57 -14.89 5.93
CA LEU D 172 -24.25 -14.35 5.59
C LEU D 172 -23.17 -15.26 6.19
N ILE D 173 -22.24 -15.70 5.35
CA ILE D 173 -21.10 -16.49 5.82
C ILE D 173 -20.02 -15.54 6.41
N VAL D 174 -19.54 -15.83 7.62
CA VAL D 174 -18.44 -15.07 8.24
C VAL D 174 -17.40 -15.98 8.92
N GLU D 175 -16.20 -16.05 8.34
CA GLU D 175 -15.13 -16.91 8.84
C GLU D 175 -13.76 -16.26 8.65
N SER D 176 -12.92 -16.31 9.68
CA SER D 176 -11.51 -15.88 9.57
C SER D 176 -10.60 -16.94 8.97
N ASP D 177 -11.07 -18.19 9.01
CA ASP D 177 -10.32 -19.31 8.50
C ASP D 177 -10.77 -19.73 7.07
N PRO D 178 -9.84 -19.77 6.12
CA PRO D 178 -10.25 -20.03 4.73
C PRO D 178 -10.70 -21.45 4.39
N HIS D 179 -10.34 -22.45 5.18
CA HIS D 179 -10.92 -23.81 5.01
C HIS D 179 -12.40 -23.76 5.38
N ALA D 180 -12.67 -23.24 6.58
CA ALA D 180 -14.02 -23.01 7.11
C ALA D 180 -14.85 -22.18 6.18
N LEU D 181 -14.26 -21.08 5.72
CA LEU D 181 -14.93 -20.19 4.78
C LEU D 181 -15.36 -20.89 3.52
N LEU D 182 -14.43 -21.56 2.85
CA LEU D 182 -14.76 -22.30 1.62
C LEU D 182 -15.61 -23.56 1.86
N LYS D 183 -15.54 -24.15 3.05
CA LYS D 183 -16.41 -25.26 3.45
C LYS D 183 -17.83 -24.73 3.57
N ALA D 184 -18.03 -23.73 4.43
CA ALA D 184 -19.34 -23.13 4.59
C ALA D 184 -19.97 -22.72 3.22
N MET D 185 -19.18 -22.12 2.33
CA MET D 185 -19.71 -21.76 1.03
C MET D 185 -20.17 -22.97 0.23
N GLN D 186 -19.33 -24.02 0.20
CA GLN D 186 -19.63 -25.26 -0.56
C GLN D 186 -20.89 -25.98 -0.09
N THR D 187 -21.15 -25.95 1.23
CA THR D 187 -22.28 -26.64 1.85
C THR D 187 -23.43 -25.68 2.21
N TRP D 188 -23.81 -24.78 1.28
CA TRP D 188 -24.74 -23.68 1.59
C TRP D 188 -26.01 -23.76 0.72
N THR D 189 -27.17 -23.48 1.32
CA THR D 189 -28.43 -23.20 0.59
C THR D 189 -29.34 -22.28 1.44
N PRO D 190 -30.42 -21.69 0.85
CA PRO D 190 -31.41 -20.92 1.62
C PRO D 190 -32.69 -21.70 1.92
C1 EDO E . 13.33 20.74 -6.54
O1 EDO E . 14.22 21.67 -5.92
C2 EDO E . 13.70 19.31 -6.12
O2 EDO E . 12.53 18.52 -5.93
C1 GOL F . 29.60 -5.75 0.18
O1 GOL F . 28.44 -5.90 -0.66
C2 GOL F . 29.81 -4.32 0.64
O2 GOL F . 28.56 -3.72 0.95
C3 GOL F . 30.63 -4.21 1.92
O3 GOL F . 30.95 -2.84 2.19
P PO4 G . 18.79 -1.52 -9.36
O1 PO4 G . 17.91 -1.65 -10.57
O2 PO4 G . 20.18 -2.01 -9.71
O3 PO4 G . 18.90 -0.08 -8.96
O4 PO4 G . 18.20 -2.36 -8.27
S SO4 H . 30.36 -10.97 -5.41
O1 SO4 H . 28.89 -11.20 -5.42
O2 SO4 H . 30.99 -12.29 -5.09
O3 SO4 H . 30.79 -10.47 -6.75
O4 SO4 H . 30.75 -9.99 -4.37
C1 EDO I . 32.00 -13.09 24.00
O1 EDO I . 31.27 -13.45 25.17
C2 EDO I . 32.21 -11.60 24.05
O2 EDO I . 31.02 -10.89 23.68
C1 EDO J . 41.12 -11.72 12.69
O1 EDO J . 41.30 -11.26 13.98
C2 EDO J . 39.76 -11.25 12.20
O2 EDO J . 39.92 -11.11 10.79
C1 GOL K . 24.54 -3.32 12.88
O1 GOL K . 25.30 -3.49 11.68
C2 GOL K . 23.13 -3.87 12.74
O2 GOL K . 22.17 -2.88 12.35
C3 GOL K . 22.67 -4.48 14.07
O3 GOL K . 22.90 -5.87 13.99
C1 GOL L . 19.78 -14.14 33.66
O1 GOL L . 19.69 -12.76 33.24
C2 GOL L . 19.22 -15.05 32.56
O2 GOL L . 20.19 -15.20 31.51
C3 GOL L . 18.86 -16.41 33.17
O3 GOL L . 18.40 -17.30 32.14
P PO4 M . 22.43 3.05 12.22
O1 PO4 M . 21.07 2.58 11.80
O2 PO4 M . 23.36 1.90 12.40
O3 PO4 M . 22.88 4.09 11.26
O4 PO4 M . 22.38 3.72 13.58
S SO4 N . 13.89 -7.84 28.52
O1 SO4 N . 13.43 -8.10 27.13
O2 SO4 N . 13.92 -9.15 29.23
O3 SO4 N . 15.24 -7.20 28.55
O4 SO4 N . 12.93 -6.92 29.17
S SO4 O . 36.46 -2.70 6.11
O1 SO4 O . 35.46 -3.09 5.09
O2 SO4 O . 36.11 -3.36 7.39
O3 SO4 O . 37.80 -3.10 5.59
O4 SO4 O . 36.53 -1.25 6.40
P AMP P . -33.63 -0.92 2.16
O1P AMP P . -34.97 -0.88 2.83
O2P AMP P . -33.04 -2.30 2.06
O3P AMP P . -32.67 0.14 2.65
O5' AMP P . -33.96 -0.53 0.63
C5' AMP P . -34.05 0.84 0.19
C4' AMP P . -34.09 1.07 -1.33
O4' AMP P . -32.87 0.64 -1.92
C3' AMP P . -35.21 0.39 -2.14
O3' AMP P . -35.93 1.41 -2.89
C2' AMP P . -34.51 -0.59 -3.06
O2' AMP P . -35.03 -0.74 -4.39
C1' AMP P . -33.16 0.08 -3.20
N9 AMP P . -32.12 -0.86 -3.67
C8 AMP P . -31.80 -2.03 -3.11
N7 AMP P . -30.81 -2.63 -3.79
C5 AMP P . -30.49 -1.86 -4.81
C6 AMP P . -29.51 -1.95 -5.90
N6 AMP P . -28.70 -3.04 -5.97
N1 AMP P . -29.47 -0.92 -6.78
C2 AMP P . -30.31 0.14 -6.64
N3 AMP P . -31.23 0.28 -5.66
C4 AMP P . -31.35 -0.68 -4.73
C1 GOL Q . -23.77 0.87 -11.82
O1 GOL Q . -22.45 1.26 -11.38
C2 GOL Q . -24.31 -0.32 -11.01
O2 GOL Q . -25.05 0.19 -9.94
C3 GOL Q . -25.26 -1.21 -11.77
O3 GOL Q . -26.49 -1.45 -11.09
P AMP R . -11.27 -0.40 -3.11
O1P AMP R . -11.86 -1.50 -2.24
O2P AMP R . -11.71 0.97 -2.76
O3P AMP R . -9.78 -0.39 -3.33
O5' AMP R . -11.87 -0.73 -4.56
C5' AMP R . -11.76 -2.07 -5.07
C4' AMP R . -12.46 -2.36 -6.42
O4' AMP R . -13.78 -1.82 -6.41
C3' AMP R . -11.76 -1.81 -7.68
O3' AMP R . -11.72 -2.81 -8.72
C2' AMP R . -12.60 -0.60 -8.09
O2' AMP R . -12.57 -0.33 -9.51
C1' AMP R . -13.98 -1.10 -7.64
N9 AMP R . -15.02 -0.07 -7.47
C8 AMP R . -14.97 1.07 -6.75
N7 AMP R . -16.16 1.72 -6.83
C5 AMP R . -17.00 1.00 -7.62
C6 AMP R . -18.39 1.10 -8.14
N6 AMP R . -19.20 2.13 -7.84
N1 AMP R . -18.84 0.10 -8.96
C2 AMP R . -18.06 -0.97 -9.30
N3 AMP R . -16.79 -1.11 -8.85
C4 AMP R . -16.21 -0.18 -8.03
C1 GOL S . 1.26 -6.07 -5.85
O1 GOL S . 0.10 -6.91 -6.05
C2 GOL S . 0.74 -4.64 -5.83
O2 GOL S . -0.13 -4.53 -4.69
C3 GOL S . 1.85 -3.59 -5.73
O3 GOL S . 1.30 -2.43 -5.09
S SO4 T . -9.09 -25.66 9.48
O1 SO4 T . -9.98 -24.65 10.12
O2 SO4 T . -9.90 -26.59 8.66
O3 SO4 T . -8.10 -25.02 8.60
O4 SO4 T . -8.42 -26.42 10.55
#